data_8WBA
#
_entry.id   8WBA
#
_cell.length_a   1.00
_cell.length_b   1.00
_cell.length_c   1.00
_cell.angle_alpha   90.00
_cell.angle_beta   90.00
_cell.angle_gamma   90.00
#
_symmetry.space_group_name_H-M   'P 1'
#
loop_
_entity.id
_entity.type
_entity.pdbx_description
1 polymer 'ABC transporter G family member 25'
2 non-polymer 'CHOLESTEROL HEMISUCCINATE'
#
_entity_poly.entity_id   1
_entity_poly.type   'polypeptide(L)'
_entity_poly.pdbx_seq_one_letter_code
;MDYKDHDGDYKDHDIDYKDDDDKGSDLEVLFQGPGSMSAFDGVENQMNGPDSSPRLSQDPREPRSLLSSSCFPITLKFVD
VCYRVKIHGMSNDSCNIKKLLGLKQKPSDETRSTEERTILSGVTGMISPGEFMAVLGPSGSGKSTLLNAVAGRLHGSNLT
GKILINDGKITKQTLKRTGFVAQDDLLYPHLTVRETLVFVALLRLPRSLTRDVKLRAAESVISELGLTKCENTVVGNTFI
RGISGGERKRVSIAHELLINPSLLVLDEPTSGLDATAALRLVQTLAGLAHGKGKTVVTSIHQPSSRVFQMFDTVLLLSEG
KCLFVGKGRDAMAYFESVGFSPAFPMNPADFLLDLANGVCQTDGVTEREKPNVRQTLVTAYDTLLAPQVKTCIEVSHFPQ
DNARFVKTRVNGGGITTCIATWFSQLCILLHRLLKERRHESFDLLRIFQVVAASILCGLMWWHSDYRDVHDRLGLLFFIS
IFWGVLPSFNAVFTFPQERAIFTRERASGMYTLSSYFMAHVLGSLSMELVLPASFLTFTYWMVYLRPGIVPFLLTLSVLL
LYVLASQGLGLALGAAIMDAKKASTIVTVTMLAFVLTGGYYVNKVPSGMVWMKYVSTTFYCYRLLVAIQYGSGEEILRML
GCDSKGKQGASAATSAGCRFVEEEVIGDVGMWTSVGVLFLMFFGYRVLAYLALRRIKH
;
_entity_poly.pdbx_strand_id   A,B
#
loop_
_chem_comp.id
_chem_comp.type
_chem_comp.name
_chem_comp.formula
Y01 non-polymer 'CHOLESTEROL HEMISUCCINATE' 'C31 H50 O4'
#
# COMPACT_ATOMS: atom_id res chain seq x y z
N CYS A 71 -16.21 -6.48 -41.30
CA CYS A 71 -16.01 -5.54 -40.21
C CYS A 71 -16.50 -4.14 -40.61
N PHE A 72 -16.60 -3.26 -39.61
CA PHE A 72 -17.01 -1.86 -39.81
C PHE A 72 -15.77 -0.99 -39.70
N PRO A 73 -15.10 -0.68 -40.81
CA PRO A 73 -13.86 0.11 -40.72
C PRO A 73 -14.13 1.51 -40.20
N ILE A 74 -13.16 2.02 -39.45
CA ILE A 74 -13.27 3.33 -38.81
C ILE A 74 -11.95 4.06 -38.98
N THR A 75 -12.02 5.33 -39.38
CA THR A 75 -10.84 6.13 -39.73
C THR A 75 -10.83 7.39 -38.87
N LEU A 76 -9.87 7.48 -37.96
CA LEU A 76 -9.71 8.67 -37.14
C LEU A 76 -8.99 9.75 -37.94
N LYS A 77 -9.47 10.99 -37.84
CA LYS A 77 -8.94 12.10 -38.63
C LYS A 77 -8.90 13.33 -37.72
N PHE A 78 -7.74 13.59 -37.11
CA PHE A 78 -7.63 14.66 -36.13
C PHE A 78 -6.75 15.77 -36.68
N VAL A 79 -7.24 17.01 -36.64
CA VAL A 79 -6.51 18.17 -37.12
C VAL A 79 -6.56 19.26 -36.06
N ASP A 80 -5.40 19.86 -35.78
CA ASP A 80 -5.28 21.01 -34.89
C ASP A 80 -5.85 20.71 -33.50
N VAL A 81 -5.62 19.48 -33.03
CA VAL A 81 -6.12 19.09 -31.72
C VAL A 81 -5.19 19.61 -30.62
N CYS A 82 -5.52 20.79 -30.11
CA CYS A 82 -4.74 21.44 -29.05
C CYS A 82 -5.55 21.46 -27.77
N TYR A 83 -4.95 21.00 -26.68
CA TYR A 83 -5.59 20.92 -25.38
C TYR A 83 -5.01 22.03 -24.50
N ARG A 84 -5.61 23.22 -24.58
CA ARG A 84 -5.16 24.33 -23.77
C ARG A 84 -5.57 24.15 -22.32
N VAL A 85 -4.82 24.81 -21.43
CA VAL A 85 -5.06 24.74 -19.98
C VAL A 85 -5.06 23.29 -19.49
N THR A 118 0.96 24.43 -22.39
CA THR A 118 -0.05 23.55 -22.97
C THR A 118 0.49 22.14 -23.16
N ILE A 119 -0.40 21.15 -23.11
CA ILE A 119 -0.02 19.76 -23.29
C ILE A 119 -0.19 19.29 -24.74
N LEU A 120 -1.01 19.98 -25.53
CA LEU A 120 -1.19 19.65 -26.94
C LEU A 120 -1.35 20.94 -27.73
N SER A 121 -0.77 20.98 -28.93
CA SER A 121 -0.85 22.16 -29.78
C SER A 121 -0.52 21.78 -31.20
N GLY A 122 -1.47 22.01 -32.11
CA GLY A 122 -1.22 21.81 -33.54
C GLY A 122 -0.89 20.39 -33.93
N VAL A 123 -1.55 19.42 -33.31
CA VAL A 123 -1.31 18.02 -33.65
C VAL A 123 -2.24 17.62 -34.80
N THR A 124 -1.67 17.10 -35.88
CA THR A 124 -2.40 16.75 -37.08
C THR A 124 -2.04 15.33 -37.50
N GLY A 125 -3.03 14.60 -37.98
CA GLY A 125 -2.79 13.24 -38.45
C GLY A 125 -4.09 12.49 -38.64
N MET A 126 -3.92 11.23 -39.04
CA MET A 126 -5.06 10.35 -39.26
C MET A 126 -4.57 8.90 -39.17
N ILE A 127 -5.50 8.02 -38.86
CA ILE A 127 -5.24 6.57 -38.85
C ILE A 127 -6.41 5.87 -39.53
N SER A 128 -6.08 4.95 -40.43
CA SER A 128 -7.00 4.19 -41.26
C SER A 128 -7.11 2.75 -40.75
N PRO A 129 -8.14 2.02 -41.17
CA PRO A 129 -8.24 0.60 -40.77
C PRO A 129 -7.04 -0.19 -41.25
N GLY A 130 -6.59 -1.12 -40.41
CA GLY A 130 -5.42 -1.90 -40.70
C GLY A 130 -4.10 -1.27 -40.32
N GLU A 131 -4.12 -0.06 -39.77
CA GLU A 131 -2.91 0.65 -39.37
C GLU A 131 -2.68 0.46 -37.88
N PHE A 132 -1.53 -0.10 -37.52
CA PHE A 132 -1.13 -0.27 -36.12
C PHE A 132 -0.29 0.92 -35.70
N MET A 133 -0.96 2.05 -35.50
CA MET A 133 -0.28 3.30 -35.22
C MET A 133 0.29 3.32 -33.81
N ALA A 134 1.48 3.89 -33.68
CA ALA A 134 2.12 4.12 -32.40
C ALA A 134 2.16 5.61 -32.12
N VAL A 135 1.99 5.99 -30.86
CA VAL A 135 2.08 7.38 -30.43
C VAL A 135 3.30 7.47 -29.52
N LEU A 136 4.43 7.88 -30.10
CA LEU A 136 5.71 7.94 -29.42
C LEU A 136 5.99 9.34 -28.89
N GLY A 137 6.97 9.42 -28.00
CA GLY A 137 7.36 10.67 -27.39
C GLY A 137 7.78 10.49 -25.94
N PRO A 138 8.46 11.49 -25.39
CA PRO A 138 8.88 11.41 -23.99
C PRO A 138 7.70 11.70 -23.05
N SER A 139 7.96 11.48 -21.76
CA SER A 139 6.93 11.72 -20.75
C SER A 139 6.54 13.20 -20.75
N GLY A 140 5.24 13.45 -20.70
CA GLY A 140 4.72 14.80 -20.72
C GLY A 140 4.60 15.44 -22.09
N SER A 141 4.91 14.71 -23.15
CA SER A 141 4.79 15.26 -24.50
C SER A 141 3.36 15.25 -25.01
N GLY A 142 2.43 14.62 -24.30
CA GLY A 142 1.04 14.60 -24.70
C GLY A 142 0.54 13.35 -25.36
N LYS A 143 1.30 12.24 -25.29
CA LYS A 143 0.83 10.99 -25.88
C LYS A 143 -0.45 10.51 -25.22
N SER A 144 -0.44 10.44 -23.88
CA SER A 144 -1.63 10.00 -23.16
C SER A 144 -2.79 10.97 -23.34
N THR A 145 -2.51 12.27 -23.29
CA THR A 145 -3.56 13.27 -23.46
C THR A 145 -4.16 13.21 -24.85
N LEU A 146 -3.31 13.10 -25.88
CA LEU A 146 -3.81 13.00 -27.24
C LEU A 146 -4.62 11.73 -27.45
N LEU A 147 -4.15 10.61 -26.85
CA LEU A 147 -4.89 9.36 -26.97
C LEU A 147 -6.25 9.44 -26.29
N ASN A 148 -6.31 10.06 -25.11
CA ASN A 148 -7.59 10.21 -24.42
C ASN A 148 -8.52 11.13 -25.20
N ALA A 149 -7.99 12.23 -25.75
CA ALA A 149 -8.83 13.16 -26.49
C ALA A 149 -9.33 12.56 -27.79
N VAL A 150 -8.51 11.74 -28.44
CA VAL A 150 -8.88 11.17 -29.73
C VAL A 150 -9.88 10.02 -29.59
N ALA A 151 -10.03 9.47 -28.39
CA ALA A 151 -10.99 8.42 -28.12
C ALA A 151 -12.30 8.93 -27.54
N GLY A 152 -12.45 10.25 -27.42
CA GLY A 152 -13.66 10.83 -26.88
C GLY A 152 -13.66 11.02 -25.37
N ARG A 153 -12.60 10.60 -24.68
CA ARG A 153 -12.56 10.77 -23.22
C ARG A 153 -12.53 12.25 -22.83
N LEU A 154 -11.77 13.05 -23.56
CA LEU A 154 -11.64 14.48 -23.28
C LEU A 154 -12.59 15.28 -24.15
N HIS A 155 -13.19 16.31 -23.56
CA HIS A 155 -14.16 17.15 -24.25
C HIS A 155 -14.15 18.53 -23.58
N GLY A 156 -15.01 19.42 -24.06
CA GLY A 156 -15.12 20.74 -23.49
C GLY A 156 -14.26 21.77 -24.20
N SER A 157 -14.32 23.00 -23.70
CA SER A 157 -13.54 24.08 -24.27
C SER A 157 -12.04 23.89 -24.04
N ASN A 158 -11.66 23.02 -23.10
CA ASN A 158 -10.24 22.70 -22.92
C ASN A 158 -9.66 22.03 -24.15
N LEU A 159 -10.48 21.33 -24.93
CA LEU A 159 -10.05 20.71 -26.17
C LEU A 159 -10.50 21.59 -27.33
N THR A 160 -9.54 21.98 -28.17
CA THR A 160 -9.82 22.82 -29.33
C THR A 160 -9.24 22.16 -30.58
N GLY A 161 -9.98 22.29 -31.69
CA GLY A 161 -9.56 21.67 -32.94
C GLY A 161 -10.68 20.87 -33.58
N LYS A 162 -10.32 19.84 -34.34
CA LYS A 162 -11.33 19.00 -34.99
C LYS A 162 -10.89 17.55 -34.93
N ILE A 163 -11.82 16.68 -34.57
CA ILE A 163 -11.62 15.23 -34.63
C ILE A 163 -12.81 14.63 -35.37
N LEU A 164 -12.52 13.82 -36.38
CA LEU A 164 -13.54 13.23 -37.23
C LEU A 164 -13.44 11.71 -37.19
N ILE A 165 -14.60 11.06 -37.10
CA ILE A 165 -14.72 9.61 -37.13
C ILE A 165 -15.49 9.26 -38.40
N ASN A 166 -14.84 8.49 -39.29
CA ASN A 166 -15.39 8.21 -40.62
C ASN A 166 -15.76 9.51 -41.33
N ASP A 167 -14.88 10.51 -41.22
CA ASP A 167 -15.05 11.87 -41.73
C ASP A 167 -16.21 12.60 -41.06
N GLY A 168 -16.75 12.08 -39.97
CA GLY A 168 -17.85 12.71 -39.28
C GLY A 168 -17.53 12.94 -37.82
N LYS A 169 -18.26 13.85 -37.19
CA LYS A 169 -18.04 14.17 -35.79
C LYS A 169 -18.37 12.97 -34.91
N ILE A 170 -17.60 12.82 -33.83
CA ILE A 170 -17.80 11.72 -32.90
C ILE A 170 -19.19 11.82 -32.29
N THR A 171 -19.95 10.72 -32.37
CA THR A 171 -21.28 10.62 -31.80
C THR A 171 -21.32 9.50 -30.77
N LYS A 172 -22.50 9.32 -30.16
CA LYS A 172 -22.66 8.26 -29.17
C LYS A 172 -22.54 6.89 -29.82
N GLN A 173 -23.02 6.74 -31.06
CA GLN A 173 -22.91 5.47 -31.75
C GLN A 173 -21.45 5.08 -31.97
N THR A 174 -20.59 6.07 -32.24
CA THR A 174 -19.17 5.78 -32.44
C THR A 174 -18.55 5.16 -31.19
N LEU A 175 -18.88 5.70 -30.01
CA LEU A 175 -18.33 5.16 -28.77
C LEU A 175 -18.66 3.68 -28.59
N LYS A 176 -19.77 3.22 -29.18
CA LYS A 176 -20.09 1.80 -29.19
C LYS A 176 -19.21 1.01 -30.14
N ARG A 177 -18.39 1.68 -30.95
CA ARG A 177 -17.49 1.01 -31.89
C ARG A 177 -16.03 1.35 -31.66
N THR A 178 -15.71 2.19 -30.68
CA THR A 178 -14.33 2.52 -30.34
C THR A 178 -14.06 2.15 -28.89
N GLY A 179 -12.99 1.38 -28.68
CA GLY A 179 -12.57 1.03 -27.34
C GLY A 179 -11.43 1.91 -26.86
N PHE A 180 -11.08 1.74 -25.58
CA PHE A 180 -10.00 2.51 -24.99
C PHE A 180 -9.42 1.71 -23.83
N VAL A 181 -8.21 1.19 -24.00
CA VAL A 181 -7.52 0.44 -22.96
C VAL A 181 -6.69 1.44 -22.15
N ALA A 182 -7.18 1.78 -20.96
CA ALA A 182 -6.49 2.73 -20.11
C ALA A 182 -5.22 2.11 -19.52
N GLN A 183 -4.30 2.98 -19.09
CA GLN A 183 -3.04 2.51 -18.51
C GLN A 183 -3.28 1.71 -17.24
N ASP A 184 -4.17 2.18 -16.37
CA ASP A 184 -4.44 1.52 -15.11
C ASP A 184 -5.32 0.30 -15.36
N ASP A 185 -4.84 -0.87 -14.95
CA ASP A 185 -5.59 -2.12 -15.10
C ASP A 185 -6.50 -2.27 -13.88
N LEU A 186 -7.78 -1.98 -14.06
CA LEU A 186 -8.76 -2.03 -12.98
C LEU A 186 -9.54 -3.34 -13.10
N LEU A 187 -8.98 -4.39 -12.53
CA LEU A 187 -9.57 -5.72 -12.54
C LEU A 187 -9.82 -6.18 -11.11
N TYR A 188 -10.89 -6.94 -10.93
CA TYR A 188 -11.19 -7.50 -9.61
C TYR A 188 -10.21 -8.63 -9.34
N PRO A 189 -9.42 -8.55 -8.26
CA PRO A 189 -8.32 -9.52 -8.07
C PRO A 189 -8.77 -10.96 -7.96
N HIS A 190 -9.92 -11.23 -7.33
CA HIS A 190 -10.31 -12.58 -6.98
C HIS A 190 -11.18 -13.27 -8.01
N LEU A 191 -11.38 -12.65 -9.17
CA LEU A 191 -12.11 -13.27 -10.27
C LEU A 191 -11.12 -13.82 -11.28
N THR A 192 -11.32 -15.06 -11.70
CA THR A 192 -10.48 -15.66 -12.71
C THR A 192 -10.68 -14.95 -14.04
N VAL A 193 -9.70 -15.13 -14.94
CA VAL A 193 -9.75 -14.45 -16.24
C VAL A 193 -11.03 -14.82 -16.99
N ARG A 194 -11.35 -16.12 -17.03
CA ARG A 194 -12.57 -16.56 -17.68
C ARG A 194 -13.80 -15.94 -17.03
N GLU A 195 -13.90 -16.04 -15.70
CA GLU A 195 -15.06 -15.49 -15.02
C GLU A 195 -15.12 -13.97 -15.16
N THR A 196 -13.97 -13.30 -15.02
CA THR A 196 -13.94 -11.84 -15.15
C THR A 196 -14.49 -11.41 -16.51
N LEU A 197 -13.97 -12.00 -17.58
CA LEU A 197 -14.37 -11.58 -18.91
C LEU A 197 -15.76 -12.08 -19.29
N VAL A 198 -16.24 -13.19 -18.72
CA VAL A 198 -17.62 -13.58 -18.92
C VAL A 198 -18.56 -12.56 -18.29
N PHE A 199 -18.25 -12.13 -17.07
CA PHE A 199 -19.06 -11.09 -16.43
C PHE A 199 -19.00 -9.79 -17.21
N VAL A 200 -17.82 -9.44 -17.73
CA VAL A 200 -17.69 -8.21 -18.53
C VAL A 200 -18.54 -8.31 -19.80
N ALA A 201 -18.51 -9.47 -20.46
CA ALA A 201 -19.32 -9.66 -21.65
C ALA A 201 -20.82 -9.58 -21.33
N LEU A 202 -21.23 -10.17 -20.21
CA LEU A 202 -22.62 -10.08 -19.81
C LEU A 202 -23.05 -8.64 -19.54
N LEU A 203 -22.20 -7.87 -18.88
CA LEU A 203 -22.55 -6.49 -18.54
C LEU A 203 -22.43 -5.56 -19.74
N ARG A 204 -21.61 -5.90 -20.73
CA ARG A 204 -21.29 -5.02 -21.85
C ARG A 204 -22.11 -5.30 -23.10
N LEU A 205 -22.20 -6.56 -23.50
CA LEU A 205 -22.93 -6.91 -24.71
C LEU A 205 -24.42 -6.62 -24.53
N PRO A 206 -25.12 -6.27 -25.60
CA PRO A 206 -26.55 -5.93 -25.48
C PRO A 206 -27.37 -7.09 -24.96
N ARG A 207 -28.41 -6.76 -24.19
CA ARG A 207 -29.25 -7.77 -23.57
C ARG A 207 -30.01 -8.60 -24.59
N SER A 208 -30.16 -8.11 -25.83
CA SER A 208 -30.80 -8.90 -26.87
C SER A 208 -30.02 -10.17 -27.16
N LEU A 209 -28.70 -10.13 -27.00
CA LEU A 209 -27.88 -11.33 -27.15
C LEU A 209 -28.19 -12.33 -26.04
N THR A 210 -28.27 -13.61 -26.41
CA THR A 210 -28.53 -14.64 -25.42
C THR A 210 -27.30 -14.83 -24.53
N ARG A 211 -27.53 -15.41 -23.35
CA ARG A 211 -26.44 -15.64 -22.41
C ARG A 211 -25.40 -16.60 -22.99
N ASP A 212 -25.87 -17.64 -23.70
CA ASP A 212 -24.93 -18.57 -24.33
C ASP A 212 -24.10 -17.87 -25.40
N VAL A 213 -24.71 -16.97 -26.17
CA VAL A 213 -23.97 -16.23 -27.18
C VAL A 213 -22.92 -15.34 -26.55
N LYS A 214 -23.27 -14.67 -25.43
CA LYS A 214 -22.29 -13.86 -24.72
C LYS A 214 -21.15 -14.70 -24.18
N LEU A 215 -21.47 -15.89 -23.65
CA LEU A 215 -20.44 -16.80 -23.16
C LEU A 215 -19.51 -17.24 -24.29
N ARG A 216 -20.09 -17.54 -25.46
CA ARG A 216 -19.28 -17.94 -26.60
C ARG A 216 -18.38 -16.81 -27.07
N ALA A 217 -18.90 -15.59 -27.10
CA ALA A 217 -18.08 -14.43 -27.48
C ALA A 217 -16.95 -14.23 -26.48
N ALA A 218 -17.25 -14.37 -25.18
CA ALA A 218 -16.21 -14.24 -24.16
C ALA A 218 -15.13 -15.30 -24.34
N GLU A 219 -15.53 -16.54 -24.60
CA GLU A 219 -14.54 -17.61 -24.80
C GLU A 219 -13.72 -17.36 -26.05
N SER A 220 -14.34 -16.87 -27.12
CA SER A 220 -13.60 -16.55 -28.33
C SER A 220 -12.59 -15.43 -28.08
N VAL A 221 -12.97 -14.45 -27.26
CA VAL A 221 -12.04 -13.37 -26.92
C VAL A 221 -10.90 -13.89 -26.06
N ILE A 222 -11.20 -14.82 -25.15
CA ILE A 222 -10.15 -15.47 -24.37
C ILE A 222 -9.16 -16.17 -25.29
N SER A 223 -9.66 -16.95 -26.25
CA SER A 223 -8.78 -17.71 -27.13
C SER A 223 -7.98 -16.80 -28.05
N GLU A 224 -8.61 -15.73 -28.54
CA GLU A 224 -7.95 -14.85 -29.51
C GLU A 224 -6.75 -14.12 -28.89
N LEU A 225 -6.89 -13.65 -27.65
CA LEU A 225 -5.85 -12.89 -26.99
C LEU A 225 -4.84 -13.77 -26.24
N GLY A 226 -4.89 -15.08 -26.44
CA GLY A 226 -3.92 -15.96 -25.83
C GLY A 226 -4.11 -16.20 -24.35
N LEU A 227 -5.29 -15.89 -23.81
CA LEU A 227 -5.57 -16.10 -22.40
C LEU A 227 -6.09 -17.50 -22.10
N THR A 228 -6.29 -18.34 -23.12
CA THR A 228 -6.82 -19.68 -22.91
C THR A 228 -5.89 -20.55 -22.09
N LYS A 229 -4.61 -20.22 -22.02
CA LYS A 229 -3.68 -20.96 -21.16
C LYS A 229 -3.79 -20.56 -19.70
N CYS A 230 -4.41 -19.43 -19.40
CA CYS A 230 -4.59 -18.97 -18.03
C CYS A 230 -6.00 -18.43 -17.82
N GLU A 231 -6.97 -19.03 -18.51
CA GLU A 231 -8.35 -18.60 -18.34
C GLU A 231 -8.91 -18.97 -16.97
N ASN A 232 -8.49 -20.10 -16.42
CA ASN A 232 -8.93 -20.54 -15.11
C ASN A 232 -8.05 -20.01 -13.99
N THR A 233 -7.03 -19.22 -14.30
CA THR A 233 -6.13 -18.66 -13.30
C THR A 233 -6.74 -17.38 -12.73
N VAL A 234 -6.75 -17.27 -11.40
CA VAL A 234 -7.27 -16.07 -10.75
C VAL A 234 -6.42 -14.88 -11.16
N VAL A 235 -7.09 -13.76 -11.45
CA VAL A 235 -6.39 -12.58 -11.96
C VAL A 235 -5.40 -12.06 -10.93
N GLY A 236 -5.85 -11.87 -9.69
CA GLY A 236 -4.98 -11.40 -8.65
C GLY A 236 -4.58 -9.95 -8.81
N ASN A 237 -3.64 -9.54 -7.97
CA ASN A 237 -3.09 -8.19 -7.99
C ASN A 237 -1.71 -8.24 -7.31
N THR A 238 -1.19 -7.07 -6.92
CA THR A 238 0.08 -7.03 -6.22
C THR A 238 0.01 -7.78 -4.89
N PHE A 239 -1.17 -7.87 -4.29
CA PHE A 239 -1.31 -8.56 -3.01
C PHE A 239 -1.43 -10.07 -3.18
N ILE A 240 -2.47 -10.52 -3.88
CA ILE A 240 -2.70 -11.95 -4.10
C ILE A 240 -2.13 -12.33 -5.45
N ARG A 241 -1.32 -13.38 -5.48
CA ARG A 241 -0.66 -13.80 -6.71
C ARG A 241 -1.69 -14.24 -7.75
N GLY A 242 -1.38 -13.97 -9.02
CA GLY A 242 -2.27 -14.31 -10.11
C GLY A 242 -1.60 -14.26 -11.47
N ILE A 243 -2.31 -13.71 -12.46
CA ILE A 243 -1.74 -13.61 -13.80
C ILE A 243 -0.63 -12.56 -13.81
N SER A 244 0.23 -12.66 -14.82
CA SER A 244 1.34 -11.73 -14.96
C SER A 244 0.84 -10.37 -15.44
N GLY A 245 1.76 -9.40 -15.46
CA GLY A 245 1.41 -8.07 -15.92
C GLY A 245 0.97 -8.05 -17.38
N GLY A 246 1.67 -8.80 -18.23
CA GLY A 246 1.25 -8.91 -19.62
C GLY A 246 -0.11 -9.55 -19.75
N GLU A 247 -0.37 -10.61 -18.97
CA GLU A 247 -1.68 -11.24 -18.99
C GLU A 247 -2.75 -10.31 -18.43
N ARG A 248 -2.39 -9.51 -17.42
CA ARG A 248 -3.34 -8.54 -16.88
C ARG A 248 -3.72 -7.48 -17.92
N LYS A 249 -2.73 -6.97 -18.65
CA LYS A 249 -3.03 -6.02 -19.72
C LYS A 249 -3.83 -6.68 -20.83
N ARG A 250 -3.55 -7.95 -21.11
CA ARG A 250 -4.35 -8.68 -22.10
C ARG A 250 -5.80 -8.81 -21.65
N VAL A 251 -6.01 -9.05 -20.35
CA VAL A 251 -7.38 -9.13 -19.83
C VAL A 251 -8.07 -7.77 -19.94
N SER A 252 -7.32 -6.68 -19.69
CA SER A 252 -7.90 -5.35 -19.87
C SER A 252 -8.28 -5.09 -21.33
N ILE A 253 -7.41 -5.50 -22.26
CA ILE A 253 -7.71 -5.33 -23.68
C ILE A 253 -8.94 -6.16 -24.06
N ALA A 254 -9.05 -7.37 -23.49
CA ALA A 254 -10.22 -8.20 -23.73
C ALA A 254 -11.49 -7.55 -23.17
N HIS A 255 -11.39 -6.95 -21.99
CA HIS A 255 -12.50 -6.19 -21.43
C HIS A 255 -12.94 -5.09 -22.38
N GLU A 256 -11.98 -4.42 -22.99
CA GLU A 256 -12.29 -3.40 -23.99
C GLU A 256 -12.61 -3.97 -25.36
N LEU A 257 -12.52 -5.29 -25.52
CA LEU A 257 -12.71 -5.94 -26.81
C LEU A 257 -14.02 -6.71 -26.92
N LEU A 258 -14.68 -7.02 -25.79
CA LEU A 258 -15.93 -7.76 -25.85
C LEU A 258 -17.03 -6.97 -26.53
N ILE A 259 -16.95 -5.63 -26.47
CA ILE A 259 -17.85 -4.77 -27.23
C ILE A 259 -17.61 -4.92 -28.73
N ASN A 260 -16.48 -5.52 -29.13
CA ASN A 260 -16.04 -5.69 -30.51
C ASN A 260 -15.86 -4.35 -31.18
N PRO A 261 -14.90 -3.52 -30.73
CA PRO A 261 -14.67 -2.23 -31.39
C PRO A 261 -13.64 -2.33 -32.51
N SER A 262 -13.92 -1.67 -33.63
CA SER A 262 -12.95 -1.59 -34.72
C SER A 262 -11.93 -0.50 -34.50
N LEU A 263 -12.04 0.27 -33.42
CA LEU A 263 -11.07 1.30 -33.06
C LEU A 263 -10.60 1.01 -31.64
N LEU A 264 -9.40 0.46 -31.52
CA LEU A 264 -8.78 0.19 -30.24
C LEU A 264 -7.77 1.29 -29.94
N VAL A 265 -7.86 1.85 -28.74
CA VAL A 265 -7.05 2.98 -28.31
C VAL A 265 -6.35 2.59 -27.02
N LEU A 266 -5.11 2.12 -27.12
CA LEU A 266 -4.38 1.55 -25.99
C LEU A 266 -3.42 2.58 -25.42
N ASP A 267 -3.73 3.08 -24.22
CA ASP A 267 -2.89 4.07 -23.55
C ASP A 267 -1.81 3.34 -22.76
N GLU A 268 -0.60 3.28 -23.32
CA GLU A 268 0.58 2.70 -22.67
C GLU A 268 0.31 1.27 -22.24
N PRO A 269 0.18 0.32 -23.17
CA PRO A 269 -0.13 -1.06 -22.79
C PRO A 269 1.08 -1.87 -22.36
N THR A 270 2.29 -1.49 -22.78
CA THR A 270 3.50 -2.22 -22.45
C THR A 270 4.24 -1.62 -21.26
N SER A 271 3.69 -0.59 -20.62
CA SER A 271 4.32 -0.02 -19.44
C SER A 271 4.28 -1.01 -18.29
N GLY A 272 5.44 -1.24 -17.67
CA GLY A 272 5.54 -2.24 -16.63
C GLY A 272 5.59 -3.67 -17.11
N LEU A 273 5.71 -3.88 -18.42
CA LEU A 273 5.74 -5.22 -19.00
C LEU A 273 7.16 -5.62 -19.32
N ASP A 274 7.43 -6.93 -19.24
CA ASP A 274 8.73 -7.45 -19.60
C ASP A 274 8.96 -7.30 -21.10
N ALA A 275 10.24 -7.36 -21.49
CA ALA A 275 10.59 -7.18 -22.90
C ALA A 275 9.91 -8.24 -23.77
N THR A 276 10.00 -9.51 -23.36
CA THR A 276 9.29 -10.56 -24.08
C THR A 276 7.78 -10.38 -23.99
N ALA A 277 7.28 -10.03 -22.80
CA ALA A 277 5.85 -9.82 -22.63
C ALA A 277 5.37 -8.64 -23.46
N ALA A 278 6.13 -7.53 -23.46
CA ALA A 278 5.74 -6.38 -24.27
C ALA A 278 5.78 -6.72 -25.75
N LEU A 279 6.80 -7.46 -26.19
CA LEU A 279 6.87 -7.86 -27.59
C LEU A 279 5.69 -8.74 -27.98
N ARG A 280 5.31 -9.68 -27.13
CA ARG A 280 4.18 -10.55 -27.44
C ARG A 280 2.86 -9.77 -27.45
N LEU A 281 2.70 -8.83 -26.51
CA LEU A 281 1.49 -8.01 -26.50
C LEU A 281 1.40 -7.14 -27.76
N VAL A 282 2.53 -6.58 -28.19
CA VAL A 282 2.55 -5.80 -29.42
C VAL A 282 2.28 -6.69 -30.62
N GLN A 283 2.76 -7.94 -30.60
CA GLN A 283 2.41 -8.89 -31.66
C GLN A 283 0.91 -9.13 -31.70
N THR A 284 0.28 -9.29 -30.53
CA THR A 284 -1.16 -9.48 -30.47
C THR A 284 -1.91 -8.26 -31.01
N LEU A 285 -1.43 -7.06 -30.65
CA LEU A 285 -2.06 -5.84 -31.15
C LEU A 285 -1.91 -5.72 -32.66
N ALA A 286 -0.74 -6.07 -33.19
CA ALA A 286 -0.53 -6.01 -34.63
C ALA A 286 -1.41 -7.02 -35.35
N GLY A 287 -1.57 -8.22 -34.77
CA GLY A 287 -2.49 -9.20 -35.35
C GLY A 287 -3.93 -8.72 -35.33
N LEU A 288 -4.32 -8.03 -34.25
CA LEU A 288 -5.65 -7.44 -34.18
C LEU A 288 -5.83 -6.38 -35.27
N ALA A 289 -4.81 -5.55 -35.50
CA ALA A 289 -4.90 -4.52 -36.51
C ALA A 289 -4.90 -5.10 -37.92
N HIS A 290 -4.20 -6.21 -38.14
CA HIS A 290 -4.05 -6.81 -39.45
C HIS A 290 -5.05 -7.94 -39.69
N GLY A 291 -5.05 -8.96 -38.82
CA GLY A 291 -5.93 -10.10 -39.02
C GLY A 291 -7.40 -9.74 -38.88
N LYS A 292 -7.74 -8.94 -37.88
CA LYS A 292 -9.12 -8.55 -37.63
C LYS A 292 -9.50 -7.26 -38.33
N GLY A 293 -8.55 -6.60 -38.99
CA GLY A 293 -8.85 -5.35 -39.69
C GLY A 293 -9.29 -4.23 -38.78
N LYS A 294 -8.72 -4.16 -37.57
CA LYS A 294 -9.08 -3.15 -36.60
C LYS A 294 -8.16 -1.94 -36.69
N THR A 295 -8.70 -0.78 -36.34
CA THR A 295 -7.92 0.47 -36.30
C THR A 295 -7.31 0.58 -34.91
N VAL A 296 -6.06 0.17 -34.79
CA VAL A 296 -5.38 0.08 -33.50
C VAL A 296 -4.37 1.20 -33.38
N VAL A 297 -4.52 2.03 -32.34
CA VAL A 297 -3.60 3.13 -32.07
C VAL A 297 -3.17 3.03 -30.61
N THR A 298 -1.87 3.14 -30.37
CA THR A 298 -1.31 3.00 -29.03
C THR A 298 -0.27 4.08 -28.77
N SER A 299 -0.15 4.46 -27.50
CA SER A 299 0.88 5.40 -27.05
C SER A 299 1.99 4.60 -26.38
N ILE A 300 2.87 4.05 -27.21
CA ILE A 300 3.98 3.26 -26.70
C ILE A 300 4.97 4.19 -25.99
N HIS A 301 5.49 3.74 -24.85
CA HIS A 301 6.38 4.57 -24.05
C HIS A 301 7.81 4.50 -24.53
N GLN A 302 8.43 3.33 -24.45
CA GLN A 302 9.82 3.12 -24.84
C GLN A 302 9.94 1.75 -25.49
N PRO A 303 9.54 1.63 -26.75
CA PRO A 303 9.52 0.32 -27.39
C PRO A 303 10.93 -0.19 -27.69
N SER A 304 11.03 -1.51 -27.79
CA SER A 304 12.29 -2.15 -28.17
C SER A 304 12.44 -2.11 -29.68
N SER A 305 13.47 -2.79 -30.20
CA SER A 305 13.71 -2.80 -31.63
C SER A 305 12.61 -3.55 -32.39
N ARG A 306 12.30 -4.76 -31.95
CA ARG A 306 11.23 -5.52 -32.57
C ARG A 306 9.89 -4.80 -32.39
N VAL A 307 9.68 -4.24 -31.20
CA VAL A 307 8.42 -3.53 -30.92
C VAL A 307 8.28 -2.35 -31.87
N PHE A 308 9.35 -1.58 -32.05
CA PHE A 308 9.30 -0.47 -33.00
C PHE A 308 9.08 -0.97 -34.41
N GLN A 309 9.71 -2.08 -34.77
CA GLN A 309 9.53 -2.65 -36.10
C GLN A 309 8.08 -3.08 -36.32
N MET A 310 7.34 -3.36 -35.25
CA MET A 310 6.01 -3.93 -35.41
C MET A 310 4.90 -2.91 -35.61
N PHE A 311 5.12 -1.62 -35.33
CA PHE A 311 4.11 -0.64 -35.69
C PHE A 311 4.19 -0.30 -37.17
N ASP A 312 3.06 -0.38 -37.86
CA ASP A 312 3.01 -0.01 -39.27
C ASP A 312 3.30 1.48 -39.45
N THR A 313 2.73 2.32 -38.61
CA THR A 313 2.92 3.77 -38.69
C THR A 313 3.16 4.32 -37.29
N VAL A 314 3.88 5.45 -37.24
CA VAL A 314 4.21 6.08 -35.97
C VAL A 314 3.92 7.58 -36.06
N LEU A 315 3.69 8.18 -34.88
CA LEU A 315 3.46 9.60 -34.77
C LEU A 315 4.07 10.07 -33.46
N LEU A 316 4.90 11.11 -33.52
CA LEU A 316 5.68 11.58 -32.38
C LEU A 316 5.12 12.88 -31.81
N LEU A 317 5.16 12.98 -30.48
CA LEU A 317 4.82 14.20 -29.78
C LEU A 317 6.07 14.86 -29.23
N SER A 318 6.14 16.19 -29.35
CA SER A 318 7.24 16.98 -28.81
C SER A 318 6.63 18.21 -28.16
N GLU A 319 6.54 18.19 -26.83
CA GLU A 319 5.97 19.28 -26.05
C GLU A 319 4.58 19.69 -26.58
N GLY A 320 3.80 18.68 -26.98
CA GLY A 320 2.47 18.90 -27.47
C GLY A 320 2.35 19.17 -28.96
N LYS A 321 3.44 19.14 -29.71
CA LYS A 321 3.43 19.37 -31.14
C LYS A 321 3.72 18.07 -31.88
N CYS A 322 2.94 17.81 -32.93
CA CYS A 322 3.17 16.65 -33.77
C CYS A 322 4.49 16.83 -34.52
N LEU A 323 5.49 16.04 -34.16
CA LEU A 323 6.83 16.21 -34.72
C LEU A 323 7.00 15.43 -36.02
N PHE A 324 6.44 14.22 -36.11
CA PHE A 324 6.55 13.41 -37.32
C PHE A 324 5.45 12.37 -37.33
N VAL A 325 4.63 12.36 -38.37
CA VAL A 325 3.59 11.37 -38.57
C VAL A 325 3.82 10.70 -39.92
N GLY A 326 3.80 9.37 -39.92
CA GLY A 326 4.02 8.62 -41.14
C GLY A 326 4.26 7.16 -40.83
N LYS A 327 4.75 6.44 -41.84
CA LYS A 327 5.00 5.02 -41.71
C LYS A 327 6.11 4.76 -40.69
N GLY A 328 6.03 3.61 -40.02
CA GLY A 328 7.00 3.29 -38.99
C GLY A 328 8.42 3.15 -39.50
N ARG A 329 8.58 2.64 -40.73
CA ARG A 329 9.89 2.44 -41.31
C ARG A 329 10.42 3.67 -42.05
N ASP A 330 9.60 4.72 -42.17
CA ASP A 330 10.01 5.93 -42.87
C ASP A 330 10.58 7.00 -41.95
N ALA A 331 10.69 6.71 -40.65
CA ALA A 331 11.24 7.70 -39.72
C ALA A 331 12.71 7.97 -40.01
N MET A 332 13.51 6.90 -40.14
CA MET A 332 14.95 7.08 -40.34
C MET A 332 15.24 7.84 -41.64
N ALA A 333 14.56 7.45 -42.72
CA ALA A 333 14.80 8.10 -44.01
C ALA A 333 14.38 9.57 -43.97
N TYR A 334 13.20 9.85 -43.41
CA TYR A 334 12.74 11.23 -43.35
C TYR A 334 13.67 12.09 -42.50
N PHE A 335 14.15 11.55 -41.39
CA PHE A 335 14.97 12.35 -40.49
C PHE A 335 16.41 12.51 -40.99
N GLU A 336 16.93 11.54 -41.76
CA GLU A 336 18.20 11.79 -42.42
C GLU A 336 18.04 12.77 -43.57
N SER A 337 16.86 12.79 -44.21
CA SER A 337 16.58 13.83 -45.20
C SER A 337 16.55 15.21 -44.55
N VAL A 338 15.94 15.31 -43.36
CA VAL A 338 15.93 16.59 -42.64
C VAL A 338 17.35 17.00 -42.27
N GLY A 339 18.16 16.06 -41.80
CA GLY A 339 19.53 16.35 -41.43
C GLY A 339 19.95 15.79 -40.10
N PHE A 340 19.13 14.92 -39.53
CA PHE A 340 19.40 14.28 -38.25
C PHE A 340 19.68 12.81 -38.49
N SER A 341 20.88 12.35 -38.11
CA SER A 341 21.31 10.99 -38.34
C SER A 341 21.92 10.42 -37.07
N PRO A 342 21.81 9.11 -36.86
CA PRO A 342 22.42 8.49 -35.68
C PRO A 342 23.94 8.54 -35.77
N ALA A 343 24.56 9.08 -34.72
CA ALA A 343 26.01 9.10 -34.61
C ALA A 343 26.59 7.78 -34.12
N PHE A 344 25.75 6.89 -33.62
CA PHE A 344 26.15 5.56 -33.19
C PHE A 344 25.06 4.59 -33.60
N PRO A 345 25.26 3.29 -33.36
CA PRO A 345 24.12 2.38 -33.57
C PRO A 345 23.04 2.65 -32.55
N MET A 346 21.97 3.30 -33.01
CA MET A 346 20.92 3.82 -32.14
C MET A 346 19.58 3.22 -32.54
N ASN A 347 18.82 2.79 -31.54
CA ASN A 347 17.51 2.22 -31.79
C ASN A 347 16.61 3.28 -32.44
N PRO A 348 15.86 2.91 -33.48
CA PRO A 348 14.99 3.92 -34.11
C PRO A 348 13.99 4.52 -33.13
N ALA A 349 13.44 3.71 -32.23
CA ALA A 349 12.60 4.25 -31.17
C ALA A 349 13.40 5.14 -30.23
N ASP A 350 14.61 4.68 -29.83
CA ASP A 350 15.42 5.48 -28.93
C ASP A 350 15.85 6.79 -29.58
N PHE A 351 16.29 6.74 -30.85
CA PHE A 351 16.65 7.95 -31.56
C PHE A 351 15.44 8.88 -31.71
N LEU A 352 14.27 8.29 -31.99
CA LEU A 352 13.06 9.10 -32.17
C LEU A 352 12.70 9.82 -30.88
N LEU A 353 12.76 9.10 -29.75
CA LEU A 353 12.45 9.71 -28.46
C LEU A 353 13.49 10.76 -28.07
N ASP A 354 14.78 10.49 -28.32
CA ASP A 354 15.82 11.45 -27.98
C ASP A 354 15.68 12.73 -28.81
N LEU A 355 15.35 12.59 -30.10
CA LEU A 355 15.08 13.76 -30.91
C LEU A 355 13.84 14.50 -30.40
N ALA A 356 12.82 13.75 -29.98
CA ALA A 356 11.63 14.38 -29.41
C ALA A 356 11.96 15.18 -28.16
N ASN A 357 12.96 14.74 -27.40
CA ASN A 357 13.43 15.50 -26.24
C ASN A 357 14.17 16.76 -26.64
N GLY A 358 14.57 16.87 -27.90
CA GLY A 358 15.33 18.02 -28.37
C GLY A 358 16.83 17.89 -28.22
N VAL A 359 17.32 16.79 -27.65
CA VAL A 359 18.75 16.58 -27.47
C VAL A 359 19.28 15.76 -28.64
N CYS A 360 20.14 16.38 -29.45
CA CYS A 360 20.74 15.71 -30.60
C CYS A 360 21.93 16.51 -31.10
N GLN A 361 23.06 15.84 -31.30
CA GLN A 361 24.27 16.51 -31.77
C GLN A 361 24.15 16.90 -33.23
N VAL A 373 17.03 22.43 -32.41
CA VAL A 373 16.77 21.05 -32.80
C VAL A 373 15.28 20.80 -32.93
N ARG A 374 14.54 21.08 -31.85
CA ARG A 374 13.10 20.84 -31.85
C ARG A 374 12.37 21.83 -32.75
N GLN A 375 12.70 23.12 -32.64
CA GLN A 375 11.96 24.15 -33.37
C GLN A 375 12.21 24.05 -34.87
N THR A 376 13.47 23.91 -35.27
CA THR A 376 13.79 23.83 -36.69
C THR A 376 13.18 22.59 -37.33
N LEU A 377 13.19 21.46 -36.62
CA LEU A 377 12.60 20.25 -37.17
C LEU A 377 11.09 20.29 -37.17
N VAL A 378 10.48 20.98 -36.19
CA VAL A 378 9.04 21.21 -36.24
C VAL A 378 8.67 22.04 -37.46
N THR A 379 9.47 23.07 -37.76
CA THR A 379 9.26 23.85 -38.97
C THR A 379 9.43 22.99 -40.21
N ALA A 380 10.44 22.12 -40.22
CA ALA A 380 10.64 21.23 -41.35
C ALA A 380 9.46 20.29 -41.56
N TYR A 381 8.90 19.77 -40.46
CA TYR A 381 7.71 18.93 -40.56
C TYR A 381 6.53 19.71 -41.10
N ASP A 382 6.34 20.95 -40.61
CA ASP A 382 5.25 21.79 -41.11
C ASP A 382 5.45 22.18 -42.55
N THR A 383 6.68 22.12 -43.05
CA THR A 383 6.96 22.47 -44.44
C THR A 383 6.86 21.29 -45.39
N LEU A 384 7.25 20.08 -44.95
CA LEU A 384 7.36 18.93 -45.84
C LEU A 384 6.23 17.92 -45.63
N LEU A 385 6.07 17.42 -44.41
CA LEU A 385 5.16 16.31 -44.18
C LEU A 385 3.76 16.76 -43.78
N ALA A 386 3.65 17.81 -42.98
CA ALA A 386 2.33 18.30 -42.59
C ALA A 386 1.47 18.71 -43.78
N PRO A 387 1.97 19.42 -44.81
CA PRO A 387 1.11 19.66 -45.99
C PRO A 387 0.62 18.38 -46.65
N GLN A 388 1.45 17.33 -46.69
CA GLN A 388 1.03 16.07 -47.28
C GLN A 388 -0.12 15.47 -46.50
N VAL A 389 -0.03 15.47 -45.16
CA VAL A 389 -1.11 14.94 -44.33
C VAL A 389 -2.37 15.78 -44.51
N LYS A 390 -2.22 17.10 -44.51
CA LYS A 390 -3.38 17.98 -44.65
C LYS A 390 -4.08 17.77 -45.99
N THR A 391 -3.30 17.60 -47.07
CA THR A 391 -3.89 17.25 -48.35
C THR A 391 -4.60 15.90 -48.28
N CYS A 392 -3.98 14.93 -47.59
CA CYS A 392 -4.64 13.66 -47.35
C CYS A 392 -5.78 13.77 -46.36
N ILE A 393 -5.84 14.84 -45.57
CA ILE A 393 -6.94 15.06 -44.64
C ILE A 393 -8.17 15.51 -45.41
N GLY A 414 -41.15 1.42 -22.35
CA GLY A 414 -40.52 0.16 -22.02
C GLY A 414 -39.92 0.14 -20.63
N ILE A 415 -40.74 0.50 -19.63
CA ILE A 415 -40.27 0.49 -18.25
C ILE A 415 -40.00 -0.94 -17.78
N THR A 416 -40.74 -1.92 -18.30
CA THR A 416 -40.48 -3.31 -17.96
C THR A 416 -39.10 -3.76 -18.45
N THR A 417 -38.71 -3.31 -19.64
CA THR A 417 -37.37 -3.61 -20.14
C THR A 417 -36.31 -2.97 -19.25
N CYS A 418 -36.56 -1.73 -18.79
CA CYS A 418 -35.61 -1.08 -17.90
C CYS A 418 -35.47 -1.85 -16.59
N ILE A 419 -36.60 -2.29 -16.02
CA ILE A 419 -36.55 -3.07 -14.78
C ILE A 419 -35.80 -4.37 -15.00
N ALA A 420 -36.07 -5.05 -16.11
CA ALA A 420 -35.40 -6.32 -16.39
C ALA A 420 -33.90 -6.13 -16.56
N THR A 421 -33.48 -5.08 -17.28
CA THR A 421 -32.06 -4.85 -17.48
C THR A 421 -31.38 -4.44 -16.17
N TRP A 422 -32.08 -3.67 -15.33
CA TRP A 422 -31.52 -3.30 -14.04
C TRP A 422 -31.35 -4.52 -13.15
N PHE A 423 -32.32 -5.42 -13.15
CA PHE A 423 -32.22 -6.62 -12.31
C PHE A 423 -31.17 -7.59 -12.84
N SER A 424 -31.02 -7.70 -14.16
CA SER A 424 -29.96 -8.53 -14.70
C SER A 424 -28.59 -7.96 -14.36
N GLN A 425 -28.44 -6.63 -14.44
CA GLN A 425 -27.20 -5.99 -14.01
C GLN A 425 -26.94 -6.27 -12.53
N LEU A 426 -28.00 -6.20 -11.71
CA LEU A 426 -27.87 -6.48 -10.29
C LEU A 426 -27.38 -7.91 -10.05
N CYS A 427 -27.97 -8.87 -10.75
CA CYS A 427 -27.58 -10.27 -10.59
C CYS A 427 -26.15 -10.51 -11.03
N ILE A 428 -25.76 -9.95 -12.19
CA ILE A 428 -24.41 -10.14 -12.69
C ILE A 428 -23.39 -9.51 -11.75
N LEU A 429 -23.68 -8.31 -11.25
CA LEU A 429 -22.77 -7.65 -10.32
C LEU A 429 -22.68 -8.39 -9.00
N LEU A 430 -23.80 -8.93 -8.52
CA LEU A 430 -23.77 -9.74 -7.30
C LEU A 430 -22.89 -10.97 -7.49
N HIS A 431 -23.04 -11.65 -8.62
CA HIS A 431 -22.21 -12.83 -8.88
C HIS A 431 -20.74 -12.47 -9.05
N ARG A 432 -20.45 -11.30 -9.63
CA ARG A 432 -19.07 -10.90 -9.84
C ARG A 432 -18.42 -10.40 -8.55
N LEU A 433 -19.19 -9.84 -7.62
CA LEU A 433 -18.66 -9.37 -6.35
C LEU A 433 -18.79 -10.38 -5.23
N LEU A 434 -19.40 -11.54 -5.49
CA LEU A 434 -19.48 -12.57 -4.46
C LEU A 434 -18.10 -13.02 -4.01
N LYS A 435 -17.18 -13.23 -4.95
CA LYS A 435 -15.83 -13.64 -4.58
C LYS A 435 -15.12 -12.53 -3.81
N GLU A 436 -15.29 -11.28 -4.22
CA GLU A 436 -14.69 -10.17 -3.50
C GLU A 436 -15.19 -10.10 -2.06
N ARG A 437 -16.50 -10.26 -1.87
CA ARG A 437 -17.04 -10.25 -0.51
C ARG A 437 -16.55 -11.45 0.29
N ARG A 438 -16.46 -12.62 -0.35
CA ARG A 438 -16.02 -13.83 0.35
C ARG A 438 -14.58 -13.70 0.81
N HIS A 439 -13.71 -13.12 -0.02
CA HIS A 439 -12.33 -12.93 0.38
C HIS A 439 -12.10 -11.60 1.10
N GLU A 440 -13.14 -10.80 1.31
CA GLU A 440 -13.06 -9.56 2.07
C GLU A 440 -13.78 -9.65 3.41
N SER A 441 -15.01 -10.13 3.43
CA SER A 441 -15.75 -10.28 4.67
C SER A 441 -15.33 -11.51 5.47
N PHE A 442 -14.68 -12.48 4.83
CA PHE A 442 -14.18 -13.67 5.50
C PHE A 442 -12.66 -13.71 5.54
N ASP A 443 -12.03 -12.55 5.70
CA ASP A 443 -10.58 -12.50 5.83
C ASP A 443 -10.13 -13.31 7.02
N LEU A 444 -9.02 -14.05 6.86
CA LEU A 444 -8.53 -14.89 7.94
C LEU A 444 -8.18 -14.08 9.17
N LEU A 445 -7.67 -12.86 8.98
CA LEU A 445 -7.44 -11.97 10.11
C LEU A 445 -8.76 -11.53 10.75
N ARG A 446 -9.74 -11.17 9.93
CA ARG A 446 -11.06 -10.82 10.46
C ARG A 446 -11.72 -12.01 11.13
N ILE A 447 -11.61 -13.19 10.53
CA ILE A 447 -12.18 -14.39 11.13
C ILE A 447 -11.51 -14.69 12.47
N PHE A 448 -10.17 -14.53 12.53
CA PHE A 448 -9.46 -14.74 13.79
C PHE A 448 -9.90 -13.72 14.84
N GLN A 449 -10.10 -12.47 14.44
CA GLN A 449 -10.56 -11.45 15.39
C GLN A 449 -11.94 -11.81 15.93
N VAL A 450 -12.86 -12.23 15.05
CA VAL A 450 -14.20 -12.59 15.49
C VAL A 450 -14.16 -13.81 16.40
N VAL A 451 -13.36 -14.81 16.06
CA VAL A 451 -13.27 -16.02 16.89
C VAL A 451 -12.67 -15.70 18.24
N ALA A 452 -11.64 -14.86 18.28
CA ALA A 452 -11.04 -14.47 19.55
C ALA A 452 -12.04 -13.69 20.40
N ALA A 453 -12.80 -12.79 19.79
CA ALA A 453 -13.82 -12.06 20.54
C ALA A 453 -14.88 -13.00 21.08
N SER A 454 -15.29 -13.99 20.29
CA SER A 454 -16.29 -14.94 20.76
C SER A 454 -15.75 -15.79 21.92
N ILE A 455 -14.50 -16.23 21.82
CA ILE A 455 -13.89 -17.01 22.89
C ILE A 455 -13.77 -16.18 24.16
N LEU A 456 -13.35 -14.92 24.03
CA LEU A 456 -13.26 -14.05 25.20
C LEU A 456 -14.63 -13.77 25.81
N CYS A 457 -15.67 -13.65 24.97
CA CYS A 457 -17.03 -13.51 25.49
C CYS A 457 -17.45 -14.76 26.26
N GLY A 458 -17.17 -15.94 25.70
CA GLY A 458 -17.56 -17.18 26.34
C GLY A 458 -16.72 -17.58 27.53
N LEU A 459 -15.56 -16.95 27.71
CA LEU A 459 -14.72 -17.19 28.88
C LEU A 459 -14.92 -16.15 29.98
N MET A 460 -14.91 -14.87 29.62
CA MET A 460 -15.09 -13.82 30.62
C MET A 460 -16.48 -13.89 31.26
N TRP A 461 -17.50 -14.13 30.43
CA TRP A 461 -18.87 -14.29 30.91
C TRP A 461 -19.32 -15.74 30.92
N TRP A 462 -18.38 -16.67 31.16
CA TRP A 462 -18.72 -18.09 31.16
C TRP A 462 -19.73 -18.40 32.27
N HIS A 463 -20.85 -19.00 31.88
CA HIS A 463 -21.94 -19.33 32.79
C HIS A 463 -22.38 -18.10 33.58
N SER A 464 -22.51 -16.98 32.88
CA SER A 464 -22.88 -15.72 33.52
C SER A 464 -24.27 -15.83 34.13
N ASP A 465 -24.42 -15.33 35.35
CA ASP A 465 -25.70 -15.38 36.04
C ASP A 465 -26.66 -14.34 35.48
N TYR A 466 -27.93 -14.73 35.38
CA TYR A 466 -28.96 -13.80 34.91
C TYR A 466 -29.11 -12.63 35.88
N ARG A 467 -29.01 -12.91 37.19
CA ARG A 467 -29.19 -11.86 38.20
C ARG A 467 -28.07 -10.83 38.18
N ASP A 468 -26.91 -11.16 37.62
CA ASP A 468 -25.79 -10.22 37.55
C ASP A 468 -26.09 -9.20 36.46
N VAL A 469 -26.79 -8.14 36.85
CA VAL A 469 -27.23 -7.12 35.89
C VAL A 469 -26.04 -6.40 35.29
N HIS A 470 -25.08 -5.99 36.14
CA HIS A 470 -23.97 -5.17 35.65
C HIS A 470 -23.11 -5.94 34.65
N ASP A 471 -22.79 -7.21 34.96
CA ASP A 471 -21.97 -8.00 34.06
C ASP A 471 -22.69 -8.29 32.75
N ARG A 472 -24.00 -8.59 32.82
CA ARG A 472 -24.76 -8.84 31.62
C ARG A 472 -24.83 -7.60 30.73
N LEU A 473 -25.06 -6.43 31.33
CA LEU A 473 -25.07 -5.19 30.57
C LEU A 473 -23.71 -4.90 29.97
N GLY A 474 -22.64 -5.20 30.70
CA GLY A 474 -21.30 -5.05 30.15
C GLY A 474 -21.07 -5.95 28.95
N LEU A 475 -21.55 -7.19 29.02
CA LEU A 475 -21.44 -8.11 27.89
C LEU A 475 -22.22 -7.58 26.69
N LEU A 476 -23.44 -7.11 26.92
CA LEU A 476 -24.25 -6.59 25.82
C LEU A 476 -23.60 -5.36 25.19
N PHE A 477 -23.07 -4.46 26.02
CA PHE A 477 -22.42 -3.26 25.49
C PHE A 477 -21.12 -3.59 24.77
N PHE A 478 -20.38 -4.60 25.24
CA PHE A 478 -19.18 -5.02 24.53
C PHE A 478 -19.54 -5.61 23.17
N ILE A 479 -20.63 -6.39 23.11
CA ILE A 479 -21.09 -6.91 21.83
C ILE A 479 -21.46 -5.76 20.91
N SER A 480 -22.16 -4.76 21.43
CA SER A 480 -22.52 -3.60 20.63
C SER A 480 -21.28 -2.87 20.13
N ILE A 481 -20.29 -2.67 20.99
CA ILE A 481 -19.06 -1.99 20.57
C ILE A 481 -18.37 -2.77 19.47
N PHE A 482 -18.21 -4.08 19.67
CA PHE A 482 -17.50 -4.91 18.70
C PHE A 482 -18.19 -4.90 17.34
N TRP A 483 -19.52 -5.09 17.34
CA TRP A 483 -20.26 -5.22 16.10
C TRP A 483 -20.80 -3.90 15.57
N GLY A 484 -20.42 -2.79 16.19
CA GLY A 484 -20.60 -1.51 15.58
C GLY A 484 -19.29 -0.96 15.06
N VAL A 485 -18.18 -1.45 15.61
CA VAL A 485 -16.87 -1.01 15.15
C VAL A 485 -16.39 -1.85 13.97
N LEU A 486 -16.52 -3.18 14.04
CA LEU A 486 -16.03 -4.02 12.95
C LEU A 486 -16.69 -3.71 11.60
N PRO A 487 -18.03 -3.71 11.48
CA PRO A 487 -18.59 -3.47 10.14
C PRO A 487 -18.46 -2.03 9.69
N SER A 488 -18.60 -1.07 10.61
CA SER A 488 -18.42 0.33 10.24
C SER A 488 -17.01 0.58 9.74
N PHE A 489 -16.00 0.05 10.43
CA PHE A 489 -14.62 0.21 10.00
C PHE A 489 -14.38 -0.50 8.67
N ASN A 490 -14.90 -1.72 8.52
CA ASN A 490 -14.64 -2.49 7.30
C ASN A 490 -15.40 -1.96 6.09
N ALA A 491 -16.45 -1.17 6.30
CA ALA A 491 -17.25 -0.69 5.17
C ALA A 491 -16.67 0.54 4.51
N VAL A 492 -15.78 1.27 5.18
CA VAL A 492 -15.27 2.53 4.65
C VAL A 492 -14.18 2.28 3.62
N PHE A 493 -13.85 1.01 3.38
CA PHE A 493 -12.86 0.65 2.38
C PHE A 493 -13.45 0.01 1.13
N THR A 494 -14.67 -0.51 1.21
CA THR A 494 -15.26 -1.21 0.07
C THR A 494 -15.50 -0.27 -1.10
N PHE A 495 -15.98 0.94 -0.83
CA PHE A 495 -16.27 1.90 -1.88
C PHE A 495 -15.01 2.56 -2.44
N PRO A 496 -14.08 3.05 -1.61
CA PRO A 496 -12.87 3.65 -2.20
C PRO A 496 -12.04 2.69 -3.03
N GLN A 497 -11.71 1.50 -2.48
CA GLN A 497 -10.83 0.58 -3.19
C GLN A 497 -11.40 0.10 -4.50
N GLU A 498 -12.72 0.24 -4.70
CA GLU A 498 -13.36 -0.11 -5.96
C GLU A 498 -13.78 1.11 -6.78
N ARG A 499 -13.70 2.32 -6.19
CA ARG A 499 -14.29 3.50 -6.82
C ARG A 499 -13.80 3.68 -8.24
N ALA A 500 -12.47 3.69 -8.42
CA ALA A 500 -11.90 3.85 -9.76
C ALA A 500 -12.47 2.82 -10.72
N ILE A 501 -12.47 1.55 -10.31
CA ILE A 501 -13.02 0.49 -11.15
C ILE A 501 -14.45 0.83 -11.51
N PHE A 502 -15.25 1.20 -10.50
CA PHE A 502 -16.64 1.59 -10.74
C PHE A 502 -16.72 2.66 -11.81
N THR A 503 -15.91 3.72 -11.68
CA THR A 503 -15.94 4.77 -12.68
C THR A 503 -15.55 4.23 -14.04
N ARG A 504 -14.50 3.40 -14.09
CA ARG A 504 -14.08 2.82 -15.35
C ARG A 504 -15.19 1.98 -15.97
N GLU A 505 -16.05 1.40 -15.14
CA GLU A 505 -17.15 0.59 -15.62
C GLU A 505 -18.49 1.34 -15.57
N ARG A 506 -18.48 2.64 -15.28
CA ARG A 506 -19.70 3.44 -15.32
C ARG A 506 -19.73 4.40 -16.49
N ALA A 507 -18.61 5.05 -16.80
CA ALA A 507 -18.56 5.91 -17.97
C ALA A 507 -18.70 5.10 -19.26
N SER A 508 -18.14 3.89 -19.28
CA SER A 508 -18.24 3.02 -20.46
C SER A 508 -19.64 2.45 -20.66
N GLY A 509 -20.52 2.59 -19.68
CA GLY A 509 -21.89 2.09 -19.81
C GLY A 509 -22.10 0.64 -19.46
N MET A 510 -21.15 0.01 -18.75
CA MET A 510 -21.35 -1.38 -18.36
C MET A 510 -22.54 -1.53 -17.43
N TYR A 511 -22.70 -0.63 -16.47
CA TYR A 511 -23.84 -0.65 -15.57
C TYR A 511 -24.07 0.75 -15.03
N THR A 512 -25.27 0.96 -14.49
CA THR A 512 -25.61 2.22 -13.86
C THR A 512 -25.17 2.23 -12.40
N LEU A 513 -25.14 3.43 -11.82
CA LEU A 513 -24.72 3.57 -10.43
C LEU A 513 -25.70 2.88 -9.49
N SER A 514 -27.00 2.99 -9.76
CA SER A 514 -27.99 2.39 -8.87
C SER A 514 -27.82 0.88 -8.78
N SER A 515 -27.66 0.23 -9.93
CA SER A 515 -27.52 -1.23 -9.94
C SER A 515 -26.27 -1.68 -9.21
N TYR A 516 -25.13 -1.01 -9.48
CA TYR A 516 -23.88 -1.38 -8.82
C TYR A 516 -23.97 -1.17 -7.31
N PHE A 517 -24.52 -0.03 -6.89
CA PHE A 517 -24.63 0.24 -5.47
C PHE A 517 -25.55 -0.76 -4.78
N MET A 518 -26.68 -1.08 -5.41
CA MET A 518 -27.62 -2.02 -4.79
C MET A 518 -27.03 -3.43 -4.74
N ALA A 519 -26.29 -3.83 -5.78
CA ALA A 519 -25.63 -5.13 -5.76
C ALA A 519 -24.57 -5.19 -4.66
N HIS A 520 -23.80 -4.12 -4.52
CA HIS A 520 -22.82 -4.06 -3.43
C HIS A 520 -23.52 -4.16 -2.08
N VAL A 521 -24.63 -3.44 -1.91
CA VAL A 521 -25.35 -3.46 -0.64
C VAL A 521 -25.87 -4.86 -0.34
N LEU A 522 -26.47 -5.52 -1.35
CA LEU A 522 -27.01 -6.86 -1.13
C LEU A 522 -25.92 -7.87 -0.82
N GLY A 523 -24.80 -7.82 -1.56
CA GLY A 523 -23.72 -8.75 -1.29
C GLY A 523 -23.11 -8.54 0.09
N SER A 524 -22.91 -7.28 0.49
CA SER A 524 -22.38 -7.00 1.81
C SER A 524 -23.37 -7.40 2.90
N LEU A 525 -24.68 -7.23 2.64
CA LEU A 525 -25.69 -7.69 3.58
C LEU A 525 -25.60 -9.20 3.76
N SER A 526 -25.43 -9.93 2.66
CA SER A 526 -25.33 -11.38 2.75
C SER A 526 -24.06 -11.84 3.45
N MET A 527 -22.95 -11.11 3.26
CA MET A 527 -21.66 -11.60 3.72
C MET A 527 -21.20 -11.02 5.06
N GLU A 528 -21.81 -9.95 5.55
CA GLU A 528 -21.39 -9.33 6.80
C GLU A 528 -22.19 -9.81 7.99
N LEU A 529 -23.11 -10.75 7.81
CA LEU A 529 -23.89 -11.30 8.91
C LEU A 529 -23.44 -12.68 9.33
N VAL A 530 -22.56 -13.34 8.55
CA VAL A 530 -22.13 -14.68 8.89
C VAL A 530 -21.26 -14.67 10.15
N LEU A 531 -20.29 -13.76 10.21
CA LEU A 531 -19.43 -13.67 11.39
C LEU A 531 -20.21 -13.27 12.64
N PRO A 532 -21.06 -12.24 12.64
CA PRO A 532 -21.84 -11.97 13.85
C PRO A 532 -22.76 -13.11 14.23
N ALA A 533 -23.32 -13.82 13.25
CA ALA A 533 -24.20 -14.94 13.56
C ALA A 533 -23.47 -16.05 14.30
N SER A 534 -22.30 -16.44 13.81
CA SER A 534 -21.51 -17.47 14.48
C SER A 534 -21.01 -16.98 15.84
N PHE A 535 -20.60 -15.72 15.92
CA PHE A 535 -20.15 -15.15 17.19
C PHE A 535 -21.25 -15.27 18.23
N LEU A 536 -22.47 -14.84 17.87
CA LEU A 536 -23.58 -14.89 18.82
C LEU A 536 -23.99 -16.34 19.10
N THR A 537 -23.92 -17.22 18.11
CA THR A 537 -24.27 -18.61 18.33
C THR A 537 -23.35 -19.24 19.38
N PHE A 538 -22.06 -18.92 19.33
CA PHE A 538 -21.15 -19.40 20.36
C PHE A 538 -21.40 -18.71 21.70
N THR A 539 -21.52 -17.38 21.68
CA THR A 539 -21.54 -16.62 22.93
C THR A 539 -22.82 -16.85 23.72
N TYR A 540 -23.98 -16.80 23.05
CA TYR A 540 -25.26 -16.90 23.74
C TYR A 540 -25.37 -18.18 24.55
N TRP A 541 -24.78 -19.27 24.06
CA TRP A 541 -24.85 -20.55 24.76
C TRP A 541 -23.59 -20.86 25.58
N MET A 542 -22.50 -20.12 25.39
CA MET A 542 -21.36 -20.24 26.29
C MET A 542 -21.40 -19.22 27.43
N VAL A 543 -22.40 -18.35 27.45
CA VAL A 543 -22.52 -17.33 28.49
C VAL A 543 -23.76 -17.54 29.36
N TYR A 544 -24.77 -18.28 28.88
CA TYR A 544 -26.05 -18.46 29.56
C TYR A 544 -26.79 -17.13 29.69
N LEU A 545 -27.13 -16.56 28.55
CA LEU A 545 -28.05 -15.44 28.50
C LEU A 545 -29.48 -15.95 28.64
N ARG A 546 -30.46 -15.10 28.34
CA ARG A 546 -31.86 -15.49 28.47
C ARG A 546 -32.15 -16.74 27.64
N PRO A 547 -32.47 -17.86 28.30
CA PRO A 547 -32.57 -19.14 27.58
C PRO A 547 -33.86 -19.22 26.77
N GLY A 548 -33.94 -20.26 25.95
CA GLY A 548 -35.02 -20.44 25.01
C GLY A 548 -34.60 -20.06 23.60
N ILE A 549 -35.48 -20.39 22.65
CA ILE A 549 -35.21 -20.10 21.25
C ILE A 549 -35.71 -18.70 20.85
N VAL A 550 -36.85 -18.27 21.40
CA VAL A 550 -37.41 -16.97 21.04
C VAL A 550 -36.44 -15.83 21.35
N PRO A 551 -35.86 -15.72 22.55
CA PRO A 551 -34.92 -14.62 22.76
C PRO A 551 -33.63 -14.79 21.98
N PHE A 552 -33.25 -16.02 21.60
CA PHE A 552 -32.07 -16.18 20.75
C PHE A 552 -32.30 -15.60 19.36
N LEU A 553 -33.43 -15.93 18.71
CA LEU A 553 -33.68 -15.29 17.42
C LEU A 553 -33.92 -13.80 17.57
N LEU A 554 -34.52 -13.35 18.68
CA LEU A 554 -34.70 -11.91 18.87
C LEU A 554 -33.36 -11.18 18.94
N THR A 555 -32.44 -11.69 19.77
CA THR A 555 -31.14 -11.04 19.89
C THR A 555 -30.31 -11.20 18.62
N LEU A 556 -30.47 -12.31 17.90
CA LEU A 556 -29.76 -12.48 16.63
C LEU A 556 -30.25 -11.48 15.59
N SER A 557 -31.57 -11.29 15.50
CA SER A 557 -32.12 -10.29 14.58
C SER A 557 -31.65 -8.89 14.96
N VAL A 558 -31.67 -8.58 16.26
CA VAL A 558 -31.22 -7.26 16.69
C VAL A 558 -29.74 -7.06 16.36
N LEU A 559 -28.91 -8.07 16.62
CA LEU A 559 -27.48 -7.96 16.35
C LEU A 559 -27.20 -7.81 14.86
N LEU A 560 -27.91 -8.58 14.02
CA LEU A 560 -27.70 -8.49 12.58
C LEU A 560 -28.17 -7.14 12.05
N LEU A 561 -29.31 -6.64 12.54
CA LEU A 561 -29.78 -5.32 12.14
C LEU A 561 -28.80 -4.24 12.56
N TYR A 562 -28.23 -4.36 13.75
CA TYR A 562 -27.24 -3.40 14.22
C TYR A 562 -25.98 -3.46 13.37
N VAL A 563 -25.53 -4.66 13.01
CA VAL A 563 -24.37 -4.80 12.14
C VAL A 563 -24.65 -4.15 10.79
N LEU A 564 -25.84 -4.36 10.25
CA LEU A 564 -26.21 -3.74 8.98
C LEU A 564 -26.23 -2.22 9.09
N ALA A 565 -26.77 -1.69 10.19
CA ALA A 565 -26.83 -0.24 10.36
C ALA A 565 -25.44 0.37 10.50
N SER A 566 -24.57 -0.26 11.30
CA SER A 566 -23.20 0.24 11.45
C SER A 566 -22.43 0.13 10.14
N GLN A 567 -22.62 -0.95 9.40
CA GLN A 567 -21.98 -1.08 8.09
C GLN A 567 -22.50 -0.03 7.12
N GLY A 568 -23.79 0.29 7.19
CA GLY A 568 -24.33 1.36 6.35
C GLY A 568 -23.75 2.71 6.71
N LEU A 569 -23.55 2.96 8.01
CA LEU A 569 -22.86 4.18 8.42
C LEU A 569 -21.44 4.22 7.86
N GLY A 570 -20.73 3.08 7.91
CA GLY A 570 -19.41 3.02 7.33
C GLY A 570 -19.41 3.27 5.83
N LEU A 571 -20.41 2.71 5.13
CA LEU A 571 -20.53 2.96 3.69
C LEU A 571 -20.80 4.42 3.40
N ALA A 572 -21.68 5.05 4.18
CA ALA A 572 -21.99 6.46 3.98
C ALA A 572 -20.77 7.32 4.21
N LEU A 573 -19.98 7.01 5.25
CA LEU A 573 -18.81 7.82 5.55
C LEU A 573 -17.67 7.56 4.58
N GLY A 574 -17.58 6.34 4.02
CA GLY A 574 -16.58 6.07 3.01
C GLY A 574 -16.96 6.52 1.61
N ALA A 575 -18.23 6.83 1.40
CA ALA A 575 -18.68 7.40 0.13
C ALA A 575 -18.76 8.92 0.14
N ALA A 576 -19.04 9.52 1.31
CA ALA A 576 -19.10 10.97 1.40
C ALA A 576 -17.75 11.59 1.07
N ILE A 577 -16.68 11.03 1.63
CA ILE A 577 -15.30 11.37 1.25
C ILE A 577 -14.62 10.08 0.81
N MET A 578 -13.79 10.19 -0.21
CA MET A 578 -13.30 9.00 -0.93
C MET A 578 -11.95 8.51 -0.43
N ASP A 579 -11.38 9.12 0.60
CA ASP A 579 -10.11 8.67 1.14
C ASP A 579 -10.34 7.56 2.17
N ALA A 580 -9.70 6.41 1.96
CA ALA A 580 -9.93 5.26 2.82
C ALA A 580 -9.48 5.53 4.26
N LYS A 581 -8.28 6.10 4.42
CA LYS A 581 -7.77 6.37 5.76
C LYS A 581 -8.58 7.46 6.45
N LYS A 582 -8.92 8.53 5.72
CA LYS A 582 -9.74 9.59 6.31
C LYS A 582 -11.12 9.08 6.66
N ALA A 583 -11.71 8.25 5.79
CA ALA A 583 -13.01 7.67 6.10
C ALA A 583 -12.94 6.78 7.33
N SER A 584 -11.87 5.99 7.46
CA SER A 584 -11.69 5.16 8.64
C SER A 584 -11.59 6.00 9.90
N THR A 585 -10.81 7.07 9.85
CA THR A 585 -10.68 7.95 11.01
C THR A 585 -12.01 8.59 11.38
N ILE A 586 -12.74 9.07 10.37
CA ILE A 586 -14.02 9.74 10.64
C ILE A 586 -15.04 8.75 11.22
N VAL A 587 -15.11 7.56 10.64
CA VAL A 587 -16.08 6.57 11.12
C VAL A 587 -15.70 6.09 12.51
N THR A 588 -14.41 5.99 12.82
CA THR A 588 -14.02 5.58 14.17
C THR A 588 -14.30 6.68 15.18
N VAL A 589 -14.14 7.95 14.78
CA VAL A 589 -14.49 9.05 15.68
C VAL A 589 -15.99 9.05 15.95
N THR A 590 -16.79 8.87 14.90
CA THR A 590 -18.25 8.89 15.09
C THR A 590 -18.72 7.68 15.88
N MET A 591 -18.07 6.52 15.73
CA MET A 591 -18.42 5.37 16.54
C MET A 591 -17.90 5.48 17.96
N LEU A 592 -16.80 6.20 18.17
CA LEU A 592 -16.37 6.54 19.52
C LEU A 592 -17.43 7.39 20.21
N ALA A 593 -17.97 8.38 19.49
CA ALA A 593 -19.06 9.19 20.02
C ALA A 593 -20.30 8.33 20.29
N PHE A 594 -20.60 7.40 19.38
CA PHE A 594 -21.75 6.52 19.57
C PHE A 594 -21.58 5.64 20.81
N VAL A 595 -20.39 5.10 21.01
CA VAL A 595 -20.15 4.22 22.14
C VAL A 595 -20.15 5.00 23.45
N LEU A 596 -19.53 6.18 23.47
CA LEU A 596 -19.51 6.97 24.70
C LEU A 596 -20.92 7.40 25.11
N THR A 597 -21.86 7.40 24.17
CA THR A 597 -23.26 7.71 24.44
C THR A 597 -24.17 6.50 24.31
N GLY A 598 -23.61 5.30 24.40
CA GLY A 598 -24.41 4.09 24.33
C GLY A 598 -25.21 3.78 25.57
N GLY A 599 -24.99 4.54 26.66
CA GLY A 599 -25.73 4.34 27.88
C GLY A 599 -25.09 3.43 28.90
N TYR A 600 -23.81 3.10 28.74
CA TYR A 600 -23.11 2.21 29.66
C TYR A 600 -21.96 2.89 30.38
N TYR A 601 -21.06 3.55 29.64
CA TYR A 601 -19.91 4.19 30.28
C TYR A 601 -20.35 5.29 31.24
N VAL A 602 -21.23 6.18 30.78
CA VAL A 602 -21.72 7.29 31.58
C VAL A 602 -23.25 7.32 31.47
N ASN A 603 -23.91 7.38 32.62
CA ASN A 603 -25.37 7.40 32.68
C ASN A 603 -25.94 8.77 32.96
N LYS A 604 -25.26 9.58 33.79
CA LYS A 604 -25.71 10.94 34.09
C LYS A 604 -25.17 11.90 33.03
N VAL A 605 -25.74 11.76 31.84
CA VAL A 605 -25.31 12.60 30.71
C VAL A 605 -25.69 14.04 30.97
N PRO A 606 -24.84 15.01 30.64
CA PRO A 606 -25.26 16.42 30.76
C PRO A 606 -26.48 16.71 29.91
N SER A 607 -27.31 17.64 30.40
CA SER A 607 -28.57 17.95 29.73
C SER A 607 -28.35 18.44 28.30
N GLY A 608 -27.22 19.08 28.04
CA GLY A 608 -26.89 19.54 26.70
C GLY A 608 -26.22 18.53 25.81
N MET A 609 -26.07 17.28 26.26
CA MET A 609 -25.40 16.25 25.50
C MET A 609 -26.25 14.99 25.29
N VAL A 610 -27.39 14.86 25.99
CA VAL A 610 -28.22 13.67 25.87
C VAL A 610 -28.83 13.49 24.49
N TRP A 611 -28.73 14.50 23.62
CA TRP A 611 -29.32 14.40 22.30
C TRP A 611 -28.55 13.43 21.40
N MET A 612 -27.26 13.24 21.66
CA MET A 612 -26.43 12.44 20.75
C MET A 612 -26.77 10.96 20.86
N LYS A 613 -27.13 10.47 22.05
CA LYS A 613 -27.46 9.05 22.20
C LYS A 613 -28.63 8.65 21.31
N TYR A 614 -29.50 9.60 20.96
CA TYR A 614 -30.64 9.30 20.11
C TYR A 614 -30.27 9.14 18.64
N VAL A 615 -29.03 9.47 18.25
CA VAL A 615 -28.55 9.23 16.89
C VAL A 615 -27.42 8.21 16.87
N SER A 616 -27.22 7.47 17.97
CA SER A 616 -26.15 6.50 18.08
C SER A 616 -26.70 5.10 17.81
N THR A 617 -26.12 4.43 16.81
CA THR A 617 -26.50 3.05 16.50
C THR A 617 -26.22 2.14 17.68
N THR A 618 -25.06 2.32 18.33
CA THR A 618 -24.68 1.48 19.45
C THR A 618 -25.67 1.61 20.59
N PHE A 619 -26.17 2.82 20.84
CA PHE A 619 -27.16 3.01 21.91
C PHE A 619 -28.41 2.20 21.65
N TYR A 620 -28.94 2.26 20.43
CA TYR A 620 -30.16 1.52 20.12
C TYR A 620 -29.93 0.01 20.18
N CYS A 621 -28.78 -0.46 19.69
CA CYS A 621 -28.49 -1.89 19.81
C CYS A 621 -28.40 -2.31 21.27
N TYR A 622 -27.73 -1.51 22.10
CA TYR A 622 -27.60 -1.84 23.52
C TYR A 622 -28.96 -1.87 24.20
N ARG A 623 -29.81 -0.90 23.90
CA ARG A 623 -31.15 -0.88 24.49
C ARG A 623 -31.98 -2.08 24.04
N LEU A 624 -31.88 -2.45 22.76
CA LEU A 624 -32.61 -3.62 22.28
C LEU A 624 -32.11 -4.90 22.95
N LEU A 625 -30.79 -5.04 23.10
CA LEU A 625 -30.25 -6.20 23.79
C LEU A 625 -30.71 -6.26 25.24
N VAL A 626 -30.72 -5.10 25.91
CA VAL A 626 -31.18 -5.05 27.30
C VAL A 626 -32.65 -5.44 27.39
N ALA A 627 -33.48 -4.94 26.45
CA ALA A 627 -34.89 -5.27 26.44
C ALA A 627 -35.12 -6.75 26.15
N ILE A 628 -34.28 -7.35 25.32
CA ILE A 628 -34.41 -8.79 25.06
C ILE A 628 -34.04 -9.59 26.29
N GLN A 629 -32.93 -9.23 26.95
CA GLN A 629 -32.44 -10.02 28.06
C GLN A 629 -33.25 -9.81 29.34
N TYR A 630 -33.89 -8.65 29.50
CA TYR A 630 -34.58 -8.33 30.74
C TYR A 630 -35.98 -7.76 30.57
N GLY A 631 -36.37 -7.34 29.37
CA GLY A 631 -37.69 -6.75 29.20
C GLY A 631 -37.79 -5.44 29.94
N SER A 632 -38.88 -5.29 30.69
CA SER A 632 -39.09 -4.11 31.51
C SER A 632 -38.36 -4.18 32.85
N GLY A 633 -37.61 -5.25 33.10
CA GLY A 633 -36.88 -5.38 34.33
C GLY A 633 -37.70 -5.84 35.52
N GLU A 634 -38.91 -6.37 35.28
CA GLU A 634 -39.76 -6.79 36.39
C GLU A 634 -39.12 -7.92 37.18
N GLU A 635 -38.53 -8.90 36.50
CA GLU A 635 -37.99 -10.06 37.20
C GLU A 635 -36.78 -9.69 38.03
N ILE A 636 -35.87 -8.89 37.49
CA ILE A 636 -34.68 -8.49 38.26
C ILE A 636 -35.08 -7.58 39.41
N LEU A 637 -36.07 -6.70 39.21
CA LEU A 637 -36.55 -5.88 40.31
C LEU A 637 -37.17 -6.72 41.42
N ARG A 638 -37.90 -7.78 41.04
CA ARG A 638 -38.42 -8.71 42.04
C ARG A 638 -37.29 -9.42 42.77
N MET A 639 -36.23 -9.80 42.03
CA MET A 639 -35.09 -10.44 42.66
C MET A 639 -34.44 -9.52 43.69
N LEU A 640 -34.21 -8.26 43.32
CA LEU A 640 -33.66 -7.29 44.25
C LEU A 640 -34.68 -6.84 45.29
N GLY A 641 -35.97 -7.03 45.03
CA GLY A 641 -36.99 -6.51 45.92
C GLY A 641 -37.18 -5.02 45.84
N CYS A 642 -36.58 -4.37 44.86
CA CYS A 642 -36.61 -2.92 44.73
C CYS A 642 -37.89 -2.46 44.02
N ASP A 643 -38.20 -1.19 44.20
CA ASP A 643 -39.40 -0.61 43.60
C ASP A 643 -39.04 0.53 42.64
N THR A 654 -30.49 0.84 48.95
CA THR A 654 -30.53 2.29 48.94
C THR A 654 -31.17 2.82 47.66
N SER A 655 -31.47 4.12 47.64
CA SER A 655 -32.04 4.74 46.46
C SER A 655 -31.07 4.69 45.28
N ALA A 656 -29.78 4.92 45.56
CA ALA A 656 -28.78 4.87 44.50
C ALA A 656 -28.69 3.47 43.89
N GLY A 657 -28.75 2.43 44.72
CA GLY A 657 -28.72 1.08 44.20
C GLY A 657 -29.92 0.77 43.33
N CYS A 658 -31.10 1.25 43.74
CA CYS A 658 -32.30 1.07 42.92
C CYS A 658 -32.18 1.79 41.59
N ARG A 659 -31.69 3.03 41.62
CA ARG A 659 -31.55 3.80 40.40
C ARG A 659 -30.51 3.20 39.46
N PHE A 660 -29.46 2.58 40.02
CA PHE A 660 -28.43 1.96 39.20
C PHE A 660 -29.02 0.93 38.25
N VAL A 661 -30.07 0.22 38.68
CA VAL A 661 -30.74 -0.74 37.82
C VAL A 661 -31.86 -0.08 37.01
N GLU A 662 -32.59 0.85 37.65
CA GLU A 662 -33.74 1.45 36.97
C GLU A 662 -33.32 2.25 35.73
N GLU A 663 -32.26 3.05 35.85
CA GLU A 663 -31.83 3.87 34.71
C GLU A 663 -31.09 3.06 33.66
N GLU A 664 -30.50 1.93 34.04
CA GLU A 664 -29.72 1.14 33.11
C GLU A 664 -30.61 0.17 32.33
N VAL A 665 -31.33 -0.70 33.05
CA VAL A 665 -32.15 -1.70 32.38
C VAL A 665 -33.36 -1.07 31.69
N ILE A 666 -34.01 -0.10 32.34
CA ILE A 666 -35.18 0.56 31.78
C ILE A 666 -34.68 1.87 31.15
N GLY A 667 -34.58 1.88 29.82
CA GLY A 667 -34.13 3.05 29.10
C GLY A 667 -35.28 4.00 28.76
N ASP A 668 -34.93 5.05 28.04
CA ASP A 668 -35.89 6.06 27.62
C ASP A 668 -36.46 5.78 26.23
N VAL A 669 -36.09 4.67 25.60
CA VAL A 669 -36.56 4.29 24.28
C VAL A 669 -37.19 2.91 24.36
N GLY A 670 -38.37 2.77 23.76
CA GLY A 670 -39.04 1.49 23.74
C GLY A 670 -38.38 0.52 22.78
N MET A 671 -38.80 -0.75 22.90
CA MET A 671 -38.28 -1.79 22.02
C MET A 671 -38.66 -1.52 20.56
N TRP A 672 -39.93 -1.25 20.31
CA TRP A 672 -40.39 -1.00 18.95
C TRP A 672 -39.79 0.29 18.40
N THR A 673 -39.68 1.33 19.23
CA THR A 673 -39.07 2.58 18.78
C THR A 673 -37.61 2.36 18.42
N SER A 674 -36.87 1.60 19.23
CA SER A 674 -35.48 1.33 18.93
C SER A 674 -35.34 0.52 17.65
N VAL A 675 -36.19 -0.49 17.46
CA VAL A 675 -36.15 -1.29 16.24
C VAL A 675 -36.43 -0.42 15.02
N GLY A 676 -37.46 0.42 15.11
CA GLY A 676 -37.80 1.29 14.00
C GLY A 676 -36.70 2.28 13.66
N VAL A 677 -36.07 2.86 14.69
CA VAL A 677 -34.98 3.80 14.44
C VAL A 677 -33.77 3.07 13.86
N LEU A 678 -33.49 1.85 14.32
CA LEU A 678 -32.40 1.07 13.74
C LEU A 678 -32.65 0.80 12.26
N PHE A 679 -33.88 0.42 11.91
CA PHE A 679 -34.21 0.19 10.50
C PHE A 679 -34.12 1.49 9.70
N LEU A 680 -34.60 2.59 10.27
CA LEU A 680 -34.54 3.88 9.59
C LEU A 680 -33.11 4.29 9.32
N MET A 681 -32.22 4.08 10.30
CA MET A 681 -30.81 4.41 10.12
C MET A 681 -30.15 3.46 9.12
N PHE A 682 -30.51 2.18 9.15
CA PHE A 682 -30.01 1.22 8.17
C PHE A 682 -30.35 1.65 6.75
N PHE A 683 -31.58 2.13 6.54
CA PHE A 683 -31.95 2.60 5.21
C PHE A 683 -31.31 3.93 4.88
N GLY A 684 -31.27 4.86 5.85
CA GLY A 684 -30.84 6.21 5.55
C GLY A 684 -29.35 6.35 5.35
N TYR A 685 -28.55 5.56 6.07
CA TYR A 685 -27.11 5.59 5.85
C TYR A 685 -26.75 5.11 4.45
N ARG A 686 -27.42 4.05 3.99
CA ARG A 686 -27.20 3.58 2.63
C ARG A 686 -27.75 4.56 1.60
N VAL A 687 -28.85 5.24 1.92
CA VAL A 687 -29.35 6.29 1.03
C VAL A 687 -28.33 7.41 0.89
N LEU A 688 -27.73 7.81 2.01
CA LEU A 688 -26.69 8.84 1.98
C LEU A 688 -25.46 8.36 1.21
N ALA A 689 -25.10 7.09 1.36
CA ALA A 689 -23.99 6.54 0.59
C ALA A 689 -24.28 6.59 -0.91
N TYR A 690 -25.51 6.23 -1.30
CA TYR A 690 -25.89 6.30 -2.71
C TYR A 690 -25.86 7.74 -3.21
N LEU A 691 -26.33 8.68 -2.38
CA LEU A 691 -26.28 10.10 -2.77
C LEU A 691 -24.85 10.58 -2.93
N ALA A 692 -23.96 10.16 -2.04
CA ALA A 692 -22.56 10.54 -2.15
C ALA A 692 -21.92 9.95 -3.41
N LEU A 693 -22.27 8.70 -3.74
CA LEU A 693 -21.81 8.12 -5.00
C LEU A 693 -22.36 8.89 -6.19
N ARG A 694 -23.60 9.37 -6.09
CA ARG A 694 -24.18 10.22 -7.13
C ARG A 694 -23.43 11.54 -7.24
N ARG A 695 -22.89 12.04 -6.13
CA ARG A 695 -22.13 13.29 -6.18
C ARG A 695 -20.90 13.17 -7.07
N ILE A 696 -20.20 12.05 -6.99
CA ILE A 696 -19.03 11.82 -7.83
C ILE A 696 -19.46 11.33 -9.21
N CYS B 71 43.94 7.15 -5.23
CA CYS B 71 42.89 6.15 -4.99
C CYS B 71 43.50 4.76 -4.84
N PHE B 72 42.79 3.88 -4.14
CA PHE B 72 43.20 2.50 -3.95
C PHE B 72 42.46 1.64 -4.97
N PRO B 73 43.07 1.30 -6.10
CA PRO B 73 42.34 0.59 -7.16
C PRO B 73 42.03 -0.85 -6.76
N ILE B 74 40.96 -1.36 -7.37
CA ILE B 74 40.55 -2.76 -7.19
C ILE B 74 40.42 -3.39 -8.57
N THR B 75 41.11 -4.51 -8.76
CA THR B 75 41.02 -5.29 -10.00
C THR B 75 40.22 -6.54 -9.68
N LEU B 76 38.90 -6.44 -9.83
CA LEU B 76 37.99 -7.50 -9.40
C LEU B 76 37.95 -8.61 -10.45
N LYS B 77 37.97 -9.86 -9.98
CA LYS B 77 37.92 -11.01 -10.88
C LYS B 77 36.98 -12.04 -10.30
N PHE B 78 36.38 -12.85 -11.18
CA PHE B 78 35.53 -13.95 -10.75
C PHE B 78 35.64 -15.07 -11.77
N VAL B 79 35.84 -16.30 -11.29
CA VAL B 79 36.01 -17.47 -12.16
C VAL B 79 35.11 -18.59 -11.66
N ASP B 80 34.36 -19.19 -12.59
CA ASP B 80 33.57 -20.40 -12.35
C ASP B 80 32.59 -20.22 -11.19
N VAL B 81 32.05 -19.01 -11.05
CA VAL B 81 31.10 -18.71 -9.98
C VAL B 81 29.75 -19.31 -10.38
N CYS B 82 29.37 -20.40 -9.70
CA CYS B 82 28.11 -21.10 -9.97
C CYS B 82 27.29 -21.12 -8.69
N TYR B 83 26.22 -20.32 -8.65
CA TYR B 83 25.33 -20.27 -7.49
C TYR B 83 24.30 -21.40 -7.66
N ARG B 84 24.73 -22.61 -7.31
CA ARG B 84 23.88 -23.79 -7.42
C ARG B 84 22.87 -23.79 -6.27
N VAL B 85 21.62 -23.53 -6.59
CA VAL B 85 20.56 -23.50 -5.58
C VAL B 85 20.26 -24.90 -5.08
N THR B 118 19.49 -24.16 -11.50
CA THR B 118 20.45 -23.20 -10.98
C THR B 118 20.30 -21.86 -11.66
N ILE B 119 20.62 -20.78 -10.94
CA ILE B 119 20.55 -19.43 -11.48
C ILE B 119 21.90 -18.88 -11.89
N LEU B 120 22.99 -19.59 -11.61
CA LEU B 120 24.32 -19.16 -12.00
C LEU B 120 25.19 -20.39 -12.22
N SER B 121 25.92 -20.41 -13.33
CA SER B 121 26.80 -21.52 -13.66
C SER B 121 27.76 -21.09 -14.76
N GLY B 122 29.03 -21.48 -14.62
CA GLY B 122 30.01 -21.23 -15.66
C GLY B 122 30.24 -19.76 -15.98
N VAL B 123 30.34 -18.92 -14.95
CA VAL B 123 30.51 -17.48 -15.12
C VAL B 123 31.92 -17.11 -14.70
N THR B 124 32.60 -16.33 -15.55
CA THR B 124 33.95 -15.87 -15.26
C THR B 124 34.12 -14.48 -15.86
N GLY B 125 35.33 -13.95 -15.72
CA GLY B 125 35.69 -12.64 -16.23
C GLY B 125 36.30 -11.78 -15.15
N MET B 126 36.52 -10.52 -15.49
CA MET B 126 37.11 -9.56 -14.55
C MET B 126 36.78 -8.15 -15.01
N ILE B 127 36.89 -7.22 -14.08
CA ILE B 127 36.81 -5.79 -14.37
C ILE B 127 37.97 -5.09 -13.66
N SER B 128 38.71 -4.30 -14.41
CA SER B 128 39.85 -3.51 -13.93
C SER B 128 39.38 -2.14 -13.44
N PRO B 129 40.18 -1.46 -12.62
CA PRO B 129 39.83 -0.11 -12.20
C PRO B 129 39.69 0.82 -13.40
N GLY B 130 38.72 1.73 -13.32
CA GLY B 130 38.43 2.64 -14.41
C GLY B 130 37.48 2.10 -15.45
N GLU B 131 37.00 0.86 -15.29
CA GLU B 131 36.08 0.26 -16.24
C GLU B 131 34.64 0.40 -15.75
N PHE B 132 33.74 0.78 -16.65
CA PHE B 132 32.31 0.89 -16.34
C PHE B 132 31.65 -0.39 -16.86
N MET B 133 31.42 -1.33 -15.95
CA MET B 133 30.93 -2.65 -16.32
C MET B 133 29.45 -2.58 -16.71
N ALA B 134 29.00 -3.61 -17.44
CA ALA B 134 27.59 -3.73 -17.82
C ALA B 134 27.19 -5.19 -17.71
N VAL B 135 26.47 -5.53 -16.64
CA VAL B 135 25.98 -6.89 -16.43
C VAL B 135 24.59 -6.95 -17.06
N LEU B 136 24.57 -7.19 -18.37
CA LEU B 136 23.32 -7.23 -19.12
C LEU B 136 22.70 -8.62 -19.07
N GLY B 137 21.46 -8.71 -19.53
CA GLY B 137 20.74 -9.96 -19.57
C GLY B 137 19.27 -9.79 -19.27
N PRO B 138 18.46 -10.79 -19.62
CA PRO B 138 17.02 -10.72 -19.35
C PRO B 138 16.72 -11.08 -17.90
N SER B 139 15.43 -10.99 -17.57
CA SER B 139 14.99 -11.31 -16.21
C SER B 139 15.25 -12.79 -15.92
N GLY B 140 15.79 -13.06 -14.74
CA GLY B 140 16.10 -14.41 -14.33
C GLY B 140 17.39 -14.98 -14.86
N SER B 141 18.22 -14.17 -15.51
CA SER B 141 19.49 -14.63 -16.05
C SER B 141 20.61 -14.64 -15.01
N GLY B 142 20.35 -14.17 -13.80
CA GLY B 142 21.33 -14.18 -12.75
C GLY B 142 22.20 -12.94 -12.65
N LYS B 143 21.87 -11.87 -13.37
CA LYS B 143 22.66 -10.64 -13.29
C LYS B 143 22.62 -10.06 -11.88
N SER B 144 21.43 -9.98 -11.29
CA SER B 144 21.31 -9.52 -9.91
C SER B 144 21.99 -10.49 -8.96
N THR B 145 21.81 -11.79 -9.19
CA THR B 145 22.48 -12.79 -8.36
C THR B 145 24.00 -12.69 -8.50
N LEU B 146 24.50 -12.52 -9.73
CA LEU B 146 25.93 -12.40 -9.93
C LEU B 146 26.49 -11.16 -9.24
N LEU B 147 25.77 -10.04 -9.30
CA LEU B 147 26.28 -8.82 -8.68
C LEU B 147 26.15 -8.85 -7.17
N ASN B 148 25.17 -9.57 -6.63
CA ASN B 148 25.11 -9.78 -5.19
C ASN B 148 26.25 -10.69 -4.72
N ALA B 149 26.54 -11.74 -5.49
CA ALA B 149 27.62 -12.65 -5.14
C ALA B 149 28.98 -11.95 -5.21
N VAL B 150 29.18 -11.11 -6.23
CA VAL B 150 30.47 -10.47 -6.43
C VAL B 150 30.73 -9.39 -5.39
N ALA B 151 29.70 -8.92 -4.68
CA ALA B 151 29.84 -7.93 -3.64
C ALA B 151 29.96 -8.55 -2.25
N GLY B 152 30.01 -9.88 -2.16
CA GLY B 152 30.10 -10.57 -0.90
C GLY B 152 28.78 -10.82 -0.19
N ARG B 153 27.66 -10.41 -0.79
CA ARG B 153 26.36 -10.64 -0.17
C ARG B 153 26.04 -12.13 -0.07
N LEU B 154 26.36 -12.89 -1.11
CA LEU B 154 26.09 -14.32 -1.15
C LEU B 154 27.32 -15.11 -0.74
N HIS B 155 27.10 -16.15 0.05
CA HIS B 155 28.19 -16.98 0.56
C HIS B 155 27.62 -18.37 0.85
N GLY B 156 28.48 -19.27 1.31
CA GLY B 156 28.05 -20.62 1.67
C GLY B 156 28.29 -21.62 0.56
N SER B 157 27.88 -22.87 0.84
CA SER B 157 28.03 -23.94 -0.13
C SER B 157 27.16 -23.74 -1.35
N ASN B 158 26.12 -22.90 -1.26
CA ASN B 158 25.31 -22.58 -2.43
C ASN B 158 26.11 -21.84 -3.49
N LEU B 159 27.22 -21.22 -3.11
CA LEU B 159 28.08 -20.48 -4.02
C LEU B 159 29.39 -21.22 -4.22
N THR B 160 29.79 -21.40 -5.47
CA THR B 160 31.04 -22.06 -5.83
C THR B 160 31.90 -21.11 -6.66
N GLY B 161 33.06 -21.60 -7.07
CA GLY B 161 34.00 -20.79 -7.83
C GLY B 161 34.84 -19.90 -6.93
N LYS B 162 35.50 -18.93 -7.58
CA LYS B 162 36.39 -18.01 -6.88
C LYS B 162 36.04 -16.58 -7.23
N ILE B 163 36.07 -15.71 -6.23
CA ILE B 163 35.94 -14.27 -6.41
C ILE B 163 37.17 -13.62 -5.78
N LEU B 164 37.99 -12.97 -6.60
CA LEU B 164 39.25 -12.42 -6.17
C LEU B 164 39.23 -10.90 -6.22
N ILE B 165 39.75 -10.27 -5.17
CA ILE B 165 39.84 -8.82 -5.07
C ILE B 165 41.31 -8.46 -5.03
N ASN B 166 41.78 -7.72 -6.03
CA ASN B 166 43.20 -7.43 -6.22
C ASN B 166 44.03 -8.72 -6.19
N ASP B 167 43.53 -9.72 -6.92
CA ASP B 167 44.12 -11.07 -6.93
C ASP B 167 44.17 -11.66 -5.52
N GLY B 168 43.14 -11.40 -4.72
CA GLY B 168 43.06 -11.93 -3.37
C GLY B 168 41.64 -12.23 -2.95
N LYS B 169 41.48 -13.21 -2.07
CA LYS B 169 40.14 -13.63 -1.63
C LYS B 169 39.45 -12.48 -0.89
N ILE B 170 38.14 -12.36 -1.11
CA ILE B 170 37.37 -11.30 -0.48
C ILE B 170 37.46 -11.42 1.04
N THR B 171 37.83 -10.33 1.69
CA THR B 171 37.99 -10.31 3.14
C THR B 171 37.22 -9.15 3.75
N LYS B 172 37.45 -8.89 5.05
CA LYS B 172 36.76 -7.80 5.71
C LYS B 172 37.17 -6.45 5.14
N GLN B 173 38.47 -6.28 4.85
CA GLN B 173 38.92 -5.04 4.23
C GLN B 173 38.31 -4.84 2.86
N THR B 174 38.04 -5.93 2.14
CA THR B 174 37.34 -5.82 0.86
C THR B 174 35.96 -5.19 1.06
N LEU B 175 35.17 -5.75 1.98
CA LEU B 175 33.85 -5.16 2.26
C LEU B 175 33.98 -3.72 2.75
N LYS B 176 35.09 -3.40 3.43
CA LYS B 176 35.35 -2.01 3.81
C LYS B 176 35.69 -1.14 2.60
N ARG B 177 36.14 -1.74 1.50
CA ARG B 177 36.55 -0.98 0.33
C ARG B 177 35.62 -1.12 -0.87
N THR B 178 34.60 -1.97 -0.80
CA THR B 178 33.60 -2.09 -1.86
C THR B 178 32.22 -1.81 -1.30
N GLY B 179 31.44 -1.04 -2.04
CA GLY B 179 30.06 -0.72 -1.68
C GLY B 179 29.10 -1.35 -2.67
N PHE B 180 27.91 -1.69 -2.17
CA PHE B 180 26.88 -2.34 -2.98
C PHE B 180 25.59 -1.54 -2.88
N VAL B 181 25.08 -1.11 -4.03
CA VAL B 181 23.82 -0.37 -4.12
C VAL B 181 22.74 -1.34 -4.53
N ALA B 182 21.85 -1.67 -3.60
CA ALA B 182 20.77 -2.60 -3.88
C ALA B 182 19.68 -1.93 -4.72
N GLN B 183 18.85 -2.78 -5.35
CA GLN B 183 17.77 -2.26 -6.19
C GLN B 183 16.77 -1.47 -5.37
N ASP B 184 16.40 -1.97 -4.18
CA ASP B 184 15.41 -1.31 -3.35
C ASP B 184 16.04 -0.10 -2.67
N ASP B 185 15.45 1.07 -2.87
CA ASP B 185 15.93 2.31 -2.25
C ASP B 185 15.27 2.43 -0.88
N LEU B 186 16.05 2.15 0.17
CA LEU B 186 15.55 2.18 1.54
C LEU B 186 16.02 3.49 2.18
N LEU B 187 15.23 4.54 1.96
CA LEU B 187 15.50 5.87 2.50
C LEU B 187 14.36 6.30 3.41
N TYR B 188 14.70 7.05 4.44
CA TYR B 188 13.68 7.56 5.35
C TYR B 188 12.93 8.70 4.67
N PRO B 189 11.61 8.60 4.49
CA PRO B 189 10.91 9.59 3.65
C PRO B 189 11.00 11.02 4.16
N HIS B 190 10.99 11.23 5.48
CA HIS B 190 10.84 12.56 6.04
C HIS B 190 12.17 13.26 6.30
N LEU B 191 13.30 12.65 5.93
CA LEU B 191 14.61 13.26 6.07
C LEU B 191 15.04 13.82 4.71
N THR B 192 15.49 15.07 4.69
CA THR B 192 15.95 15.68 3.47
C THR B 192 17.23 15.00 2.99
N VAL B 193 17.55 15.23 1.70
CA VAL B 193 18.71 14.57 1.09
C VAL B 193 19.98 14.92 1.85
N ARG B 194 20.19 16.22 2.12
CA ARG B 194 21.35 16.66 2.86
C ARG B 194 21.38 16.03 4.26
N GLU B 195 20.26 16.10 4.98
CA GLU B 195 20.20 15.53 6.31
C GLU B 195 20.38 14.01 6.27
N THR B 196 19.73 13.35 5.32
CA THR B 196 19.84 11.89 5.21
C THR B 196 21.29 11.47 5.03
N LEU B 197 21.97 12.06 4.05
CA LEU B 197 23.34 11.65 3.78
C LEU B 197 24.32 12.15 4.83
N VAL B 198 24.04 13.27 5.50
CA VAL B 198 24.87 13.68 6.63
C VAL B 198 24.78 12.67 7.77
N PHE B 199 23.55 12.21 8.07
CA PHE B 199 23.39 11.19 9.10
C PHE B 199 24.07 9.89 8.70
N VAL B 200 23.96 9.51 7.42
CA VAL B 200 24.63 8.30 6.95
C VAL B 200 26.15 8.42 7.10
N ALA B 201 26.70 9.57 6.72
CA ALA B 201 28.13 9.80 6.85
C ALA B 201 28.56 9.75 8.31
N LEU B 202 27.77 10.34 9.21
CA LEU B 202 28.09 10.27 10.63
C LEU B 202 28.07 8.83 11.12
N LEU B 203 27.10 8.03 10.66
CA LEU B 203 26.94 6.68 11.18
C LEU B 203 28.02 5.74 10.67
N ARG B 204 28.34 5.80 9.37
CA ARG B 204 29.17 4.75 8.78
C ARG B 204 30.64 5.15 8.62
N LEU B 205 30.96 6.44 8.55
CA LEU B 205 32.36 6.83 8.50
C LEU B 205 33.03 6.56 9.85
N PRO B 206 34.33 6.28 9.87
CA PRO B 206 35.00 5.98 11.13
C PRO B 206 34.92 7.14 12.11
N ARG B 207 34.78 6.80 13.40
CA ARG B 207 34.61 7.81 14.44
C ARG B 207 35.85 8.65 14.66
N SER B 208 37.01 8.20 14.17
CA SER B 208 38.23 9.00 14.31
C SER B 208 38.11 10.32 13.57
N LEU B 209 37.40 10.34 12.44
CA LEU B 209 37.17 11.57 11.71
C LEU B 209 36.28 12.51 12.51
N THR B 210 36.61 13.80 12.49
CA THR B 210 35.82 14.78 13.21
C THR B 210 34.46 14.97 12.54
N ARG B 211 33.52 15.51 13.32
CA ARG B 211 32.17 15.72 12.81
C ARG B 211 32.17 16.70 11.64
N ASP B 212 33.00 17.75 11.72
CA ASP B 212 33.09 18.69 10.61
C ASP B 212 33.64 18.02 9.36
N VAL B 213 34.60 17.11 9.52
CA VAL B 213 35.15 16.41 8.36
C VAL B 213 34.09 15.50 7.73
N LYS B 214 33.29 14.81 8.55
CA LYS B 214 32.21 14.00 8.02
C LYS B 214 31.17 14.86 7.30
N LEU B 215 30.85 16.04 7.86
CA LEU B 215 29.93 16.95 7.20
C LEU B 215 30.47 17.41 5.86
N ARG B 216 31.77 17.74 5.81
CA ARG B 216 32.38 18.17 4.56
C ARG B 216 32.36 17.04 3.52
N ALA B 217 32.64 15.80 3.95
CA ALA B 217 32.57 14.68 3.04
C ALA B 217 31.16 14.46 2.52
N ALA B 218 30.17 14.59 3.40
CA ALA B 218 28.77 14.46 2.96
C ALA B 218 28.41 15.53 1.96
N GLU B 219 28.83 16.78 2.20
CA GLU B 219 28.53 17.86 1.27
C GLU B 219 29.23 17.64 -0.07
N SER B 220 30.47 17.14 -0.04
CA SER B 220 31.18 16.83 -1.28
C SER B 220 30.47 15.74 -2.06
N VAL B 221 29.95 14.73 -1.36
CA VAL B 221 29.20 13.66 -2.04
C VAL B 221 27.90 14.21 -2.62
N ILE B 222 27.25 15.13 -1.90
CA ILE B 222 26.05 15.78 -2.43
C ILE B 222 26.37 16.50 -3.73
N SER B 223 27.45 17.28 -3.72
CA SER B 223 27.80 18.08 -4.90
C SER B 223 28.23 17.20 -6.06
N GLU B 224 28.96 16.12 -5.77
CA GLU B 224 29.51 15.28 -6.84
C GLU B 224 28.40 14.57 -7.62
N LEU B 225 27.37 14.10 -6.93
CA LEU B 225 26.29 13.35 -7.56
C LEU B 225 25.15 14.23 -8.06
N GLY B 226 25.36 15.55 -8.10
CA GLY B 226 24.35 16.44 -8.64
C GLY B 226 23.15 16.66 -7.74
N LEU B 227 23.24 16.28 -6.47
CA LEU B 227 22.15 16.46 -5.52
C LEU B 227 22.12 17.84 -4.89
N THR B 228 23.11 18.69 -5.18
CA THR B 228 23.16 20.02 -4.58
C THR B 228 21.99 20.89 -4.99
N LYS B 229 21.32 20.57 -6.10
CA LYS B 229 20.14 21.32 -6.50
C LYS B 229 18.90 20.92 -5.70
N CYS B 230 18.94 19.77 -5.03
CA CYS B 230 17.81 19.30 -4.22
C CYS B 230 18.30 18.73 -2.91
N GLU B 231 19.38 19.32 -2.36
CA GLU B 231 19.89 18.84 -1.09
C GLU B 231 18.94 19.17 0.06
N ASN B 232 18.25 20.30 -0.01
CA ASN B 232 17.29 20.69 1.02
C ASN B 232 15.89 20.12 0.76
N THR B 233 15.70 19.40 -0.32
CA THR B 233 14.40 18.82 -0.64
C THR B 233 14.21 17.53 0.13
N VAL B 234 13.04 17.39 0.77
CA VAL B 234 12.74 16.18 1.52
C VAL B 234 12.71 14.99 0.57
N VAL B 235 13.29 13.87 1.01
CA VAL B 235 13.42 12.69 0.14
C VAL B 235 12.04 12.17 -0.24
N GLY B 236 11.17 11.97 0.74
CA GLY B 236 9.83 11.49 0.46
C GLY B 236 9.80 10.05 0.01
N ASN B 237 8.61 9.63 -0.41
CA ASN B 237 8.37 8.30 -0.93
C ASN B 237 7.13 8.35 -1.81
N THR B 238 6.56 7.18 -2.11
CA THR B 238 5.32 7.14 -2.89
C THR B 238 4.18 7.86 -2.17
N PHE B 239 4.22 7.93 -0.84
CA PHE B 239 3.15 8.59 -0.10
C PHE B 239 3.34 10.10 -0.05
N ILE B 240 4.43 10.55 0.55
CA ILE B 240 4.72 11.98 0.66
C ILE B 240 5.64 12.40 -0.48
N ARG B 241 5.26 13.45 -1.20
CA ARG B 241 6.04 13.89 -2.34
C ARG B 241 7.43 14.33 -1.93
N GLY B 242 8.40 14.08 -2.80
CA GLY B 242 9.78 14.42 -2.52
C GLY B 242 10.66 14.42 -3.76
N ILE B 243 11.87 13.88 -3.62
CA ILE B 243 12.78 13.84 -4.77
C ILE B 243 12.28 12.82 -5.79
N SER B 244 12.77 12.97 -7.02
CA SER B 244 12.37 12.09 -8.10
C SER B 244 13.05 10.73 -7.95
N GLY B 245 12.67 9.80 -8.84
CA GLY B 245 13.28 8.48 -8.81
C GLY B 245 14.77 8.51 -9.08
N GLY B 246 15.20 9.33 -10.04
CA GLY B 246 16.62 9.46 -10.30
C GLY B 246 17.37 10.05 -9.13
N GLU B 247 16.80 11.07 -8.49
CA GLU B 247 17.43 11.64 -7.31
C GLU B 247 17.41 10.65 -6.15
N ARG B 248 16.35 9.86 -6.03
CA ARG B 248 16.30 8.84 -4.99
C ARG B 248 17.39 7.79 -5.17
N LYS B 249 17.58 7.33 -6.42
CA LYS B 249 18.65 6.37 -6.68
C LYS B 249 20.02 7.01 -6.48
N ARG B 250 20.17 8.29 -6.82
CA ARG B 250 21.43 8.98 -6.57
C ARG B 250 21.72 9.06 -5.08
N VAL B 251 20.70 9.32 -4.26
CA VAL B 251 20.88 9.34 -2.81
C VAL B 251 21.25 7.94 -2.31
N SER B 252 20.62 6.91 -2.87
CA SER B 252 20.95 5.54 -2.49
C SER B 252 22.40 5.21 -2.81
N ILE B 253 22.88 5.64 -3.99
CA ILE B 253 24.29 5.43 -4.34
C ILE B 253 25.19 6.21 -3.39
N ALA B 254 24.82 7.46 -3.08
CA ALA B 254 25.62 8.29 -2.20
C ALA B 254 25.70 7.68 -0.80
N HIS B 255 24.66 6.96 -0.38
CA HIS B 255 24.71 6.22 0.87
C HIS B 255 25.87 5.22 0.87
N GLU B 256 26.15 4.63 -0.29
CA GLU B 256 27.26 3.71 -0.45
C GLU B 256 28.53 4.39 -0.95
N LEU B 257 28.52 5.72 -1.10
CA LEU B 257 29.69 6.45 -1.56
C LEU B 257 30.39 7.22 -0.45
N LEU B 258 29.74 7.44 0.68
CA LEU B 258 30.39 8.12 1.80
C LEU B 258 31.55 7.30 2.35
N ILE B 259 31.42 5.98 2.34
CA ILE B 259 32.50 5.08 2.69
C ILE B 259 33.68 5.20 1.71
N ASN B 260 33.43 5.77 0.53
CA ASN B 260 34.42 5.96 -0.53
C ASN B 260 34.94 4.63 -1.03
N PRO B 261 34.11 3.81 -1.67
CA PRO B 261 34.60 2.52 -2.19
C PRO B 261 35.09 2.63 -3.63
N SER B 262 36.18 1.92 -3.91
CA SER B 262 36.68 1.85 -5.27
C SER B 262 35.84 0.90 -6.13
N LEU B 263 35.29 -0.15 -5.52
CA LEU B 263 34.42 -1.09 -6.23
C LEU B 263 32.98 -0.79 -5.83
N LEU B 264 32.25 -0.15 -6.74
CA LEU B 264 30.84 0.17 -6.55
C LEU B 264 30.01 -0.79 -7.39
N VAL B 265 29.32 -1.71 -6.73
CA VAL B 265 28.50 -2.71 -7.41
C VAL B 265 27.05 -2.28 -7.24
N LEU B 266 26.48 -1.67 -8.28
CA LEU B 266 25.08 -1.31 -8.28
C LEU B 266 24.23 -2.52 -8.67
N ASP B 267 22.92 -2.41 -8.45
CA ASP B 267 21.98 -3.47 -8.80
C ASP B 267 20.74 -2.81 -9.39
N GLU B 268 20.69 -2.75 -10.71
CA GLU B 268 19.55 -2.19 -11.44
C GLU B 268 19.27 -0.74 -11.00
N PRO B 269 20.19 0.20 -11.27
CA PRO B 269 19.96 1.58 -10.83
C PRO B 269 19.00 2.36 -11.71
N THR B 270 18.82 1.96 -12.96
CA THR B 270 17.91 2.64 -13.88
C THR B 270 16.58 1.91 -14.04
N SER B 271 16.33 0.86 -13.24
CA SER B 271 15.05 0.18 -13.31
C SER B 271 13.96 1.09 -12.77
N GLY B 272 12.86 1.20 -13.52
CA GLY B 272 11.80 2.12 -13.15
C GLY B 272 12.24 3.57 -13.15
N LEU B 273 13.02 3.97 -14.16
CA LEU B 273 13.57 5.32 -14.25
C LEU B 273 13.28 5.90 -15.62
N ASP B 274 13.13 7.23 -15.66
CA ASP B 274 12.89 7.91 -16.91
C ASP B 274 14.11 7.82 -17.81
N ALA B 275 13.87 7.85 -19.13
CA ALA B 275 14.96 7.66 -20.10
C ALA B 275 16.04 8.73 -19.93
N THR B 276 15.65 9.99 -19.86
CA THR B 276 16.62 11.06 -19.65
C THR B 276 17.30 10.93 -18.29
N ALA B 277 16.51 10.65 -17.24
CA ALA B 277 17.08 10.49 -15.91
C ALA B 277 17.99 9.27 -15.84
N ALA B 278 17.59 8.16 -16.48
CA ALA B 278 18.45 6.99 -16.51
C ALA B 278 19.75 7.27 -17.25
N LEU B 279 19.67 7.99 -18.37
CA LEU B 279 20.88 8.35 -19.10
C LEU B 279 21.80 9.23 -18.25
N ARG B 280 21.22 10.20 -17.54
CA ARG B 280 22.03 11.05 -16.67
C ARG B 280 22.69 10.26 -15.55
N LEU B 281 21.94 9.32 -14.95
CA LEU B 281 22.51 8.50 -13.88
C LEU B 281 23.63 7.60 -14.41
N VAL B 282 23.45 7.03 -15.60
CA VAL B 282 24.49 6.21 -16.20
C VAL B 282 25.71 7.06 -16.54
N GLN B 283 25.49 8.30 -16.97
CA GLN B 283 26.60 9.22 -17.20
C GLN B 283 27.35 9.52 -15.90
N THR B 284 26.62 9.70 -14.80
CA THR B 284 27.25 9.93 -13.52
C THR B 284 28.07 8.71 -13.09
N LEU B 285 27.53 7.51 -13.31
CA LEU B 285 28.27 6.30 -12.99
C LEU B 285 29.54 6.18 -13.83
N ALA B 286 29.44 6.51 -15.12
CA ALA B 286 30.61 6.46 -16.00
C ALA B 286 31.65 7.49 -15.57
N GLY B 287 31.22 8.67 -15.15
CA GLY B 287 32.15 9.66 -14.63
C GLY B 287 32.81 9.20 -13.35
N LEU B 288 32.06 8.51 -12.49
CA LEU B 288 32.64 7.93 -11.28
C LEU B 288 33.69 6.89 -11.63
N ALA B 289 33.41 6.05 -12.64
CA ALA B 289 34.38 5.05 -13.06
C ALA B 289 35.61 5.69 -13.68
N HIS B 290 35.44 6.76 -14.45
CA HIS B 290 36.53 7.40 -15.19
C HIS B 290 37.18 8.52 -14.40
N GLY B 291 36.39 9.53 -14.01
CA GLY B 291 36.96 10.68 -13.31
C GLY B 291 37.51 10.32 -11.95
N LYS B 292 36.79 9.51 -11.18
CA LYS B 292 37.22 9.10 -9.86
C LYS B 292 38.08 7.84 -9.86
N GLY B 293 38.24 7.21 -11.02
CA GLY B 293 39.02 5.99 -11.09
C GLY B 293 38.46 4.84 -10.29
N LYS B 294 37.14 4.69 -10.29
CA LYS B 294 36.46 3.65 -9.51
C LYS B 294 36.12 2.46 -10.40
N THR B 295 35.91 1.32 -9.74
CA THR B 295 35.54 0.07 -10.41
C THR B 295 34.03 -0.08 -10.28
N VAL B 296 33.30 0.35 -11.30
CA VAL B 296 31.84 0.39 -11.27
C VAL B 296 31.30 -0.81 -12.02
N VAL B 297 30.48 -1.61 -11.34
CA VAL B 297 29.84 -2.79 -11.92
C VAL B 297 28.34 -2.64 -11.74
N THR B 298 27.60 -2.55 -12.85
CA THR B 298 26.17 -2.36 -12.80
C THR B 298 25.46 -3.38 -13.68
N SER B 299 24.21 -3.68 -13.34
CA SER B 299 23.37 -4.62 -14.08
C SER B 299 22.14 -3.85 -14.56
N ILE B 300 22.23 -3.30 -15.77
CA ILE B 300 21.13 -2.52 -16.33
C ILE B 300 20.14 -3.48 -16.98
N HIS B 301 18.86 -3.30 -16.67
CA HIS B 301 17.83 -4.22 -17.15
C HIS B 301 17.66 -4.11 -18.66
N GLN B 302 17.22 -2.95 -19.14
CA GLN B 302 17.01 -2.69 -20.56
C GLN B 302 17.62 -1.34 -20.89
N PRO B 303 18.92 -1.29 -21.17
CA PRO B 303 19.57 0.01 -21.43
C PRO B 303 19.10 0.60 -22.74
N SER B 304 19.16 1.94 -22.80
CA SER B 304 18.83 2.66 -24.02
C SER B 304 20.03 2.64 -24.96
N SER B 305 19.96 3.39 -26.05
CA SER B 305 21.04 3.42 -27.03
C SER B 305 22.24 4.19 -26.50
N ARG B 306 22.03 5.44 -26.09
CA ARG B 306 23.11 6.21 -25.50
C ARG B 306 23.60 5.55 -24.21
N VAL B 307 22.67 5.01 -23.42
CA VAL B 307 23.05 4.28 -22.21
C VAL B 307 23.99 3.14 -22.55
N PHE B 308 23.65 2.35 -23.57
CA PHE B 308 24.53 1.26 -23.99
C PHE B 308 25.86 1.79 -24.49
N GLN B 309 25.86 2.95 -25.17
CA GLN B 309 27.11 3.56 -25.58
C GLN B 309 27.96 4.00 -24.39
N MET B 310 27.35 4.21 -23.22
CA MET B 310 28.11 4.72 -22.09
C MET B 310 29.06 3.67 -21.50
N PHE B 311 28.62 2.41 -21.36
CA PHE B 311 29.47 1.43 -20.70
C PHE B 311 30.72 1.16 -21.52
N ASP B 312 31.85 1.05 -20.83
CA ASP B 312 33.12 0.69 -21.45
C ASP B 312 33.37 -0.81 -21.47
N THR B 313 32.52 -1.60 -20.82
CA THR B 313 32.69 -3.04 -20.79
C THR B 313 31.34 -3.69 -20.52
N VAL B 314 30.98 -4.66 -21.36
CA VAL B 314 29.68 -5.31 -21.29
C VAL B 314 29.89 -6.81 -21.07
N LEU B 315 29.20 -7.35 -20.06
CA LEU B 315 29.12 -8.78 -19.81
C LEU B 315 27.65 -9.16 -19.68
N LEU B 316 27.19 -10.07 -20.54
CA LEU B 316 25.80 -10.53 -20.49
C LEU B 316 25.82 -12.04 -20.29
N LEU B 317 24.85 -12.53 -19.52
CA LEU B 317 24.64 -13.95 -19.27
C LEU B 317 23.45 -14.46 -20.07
N SER B 318 23.17 -15.75 -19.93
CA SER B 318 22.05 -16.38 -20.61
C SER B 318 21.56 -17.52 -19.72
N GLU B 319 20.50 -17.25 -18.95
CA GLU B 319 19.93 -18.23 -18.02
C GLU B 319 20.98 -18.75 -17.04
N GLY B 320 21.77 -17.83 -16.49
CA GLY B 320 22.78 -18.17 -15.52
C GLY B 320 24.16 -18.46 -16.07
N LYS B 321 24.31 -18.51 -17.39
CA LYS B 321 25.60 -18.77 -18.03
C LYS B 321 26.04 -17.50 -18.74
N CYS B 322 27.20 -16.97 -18.35
CA CYS B 322 27.75 -15.78 -18.98
C CYS B 322 28.06 -16.06 -20.44
N LEU B 323 27.31 -15.42 -21.34
CA LEU B 323 27.47 -15.72 -22.75
C LEU B 323 28.48 -14.82 -23.44
N PHE B 324 28.64 -13.56 -23.00
CA PHE B 324 29.62 -12.69 -23.66
C PHE B 324 30.17 -11.67 -22.68
N VAL B 325 31.49 -11.63 -22.54
CA VAL B 325 32.18 -10.62 -21.74
C VAL B 325 33.23 -9.96 -22.62
N GLY B 326 33.19 -8.62 -22.67
CA GLY B 326 34.15 -7.91 -23.50
C GLY B 326 33.92 -6.42 -23.44
N LYS B 327 34.48 -5.72 -24.42
CA LYS B 327 34.31 -4.28 -24.49
C LYS B 327 32.89 -3.91 -24.89
N GLY B 328 32.47 -2.70 -24.53
CA GLY B 328 31.11 -2.27 -24.81
C GLY B 328 30.80 -2.21 -26.30
N ARG B 329 31.73 -1.71 -27.10
CA ARG B 329 31.53 -1.56 -28.53
C ARG B 329 32.01 -2.76 -29.33
N ASP B 330 32.57 -3.78 -28.67
CA ASP B 330 33.04 -4.97 -29.36
C ASP B 330 31.99 -6.08 -29.42
N ALA B 331 30.79 -5.84 -28.88
CA ALA B 331 29.75 -6.86 -28.92
C ALA B 331 29.28 -7.10 -30.34
N MET B 332 28.98 -6.03 -31.08
CA MET B 332 28.43 -6.18 -32.43
C MET B 332 29.41 -6.92 -33.33
N ALA B 333 30.69 -6.53 -33.29
CA ALA B 333 31.69 -7.15 -34.16
C ALA B 333 31.89 -8.62 -33.82
N TYR B 334 31.98 -8.93 -32.52
CA TYR B 334 32.16 -10.32 -32.12
C TYR B 334 30.97 -11.18 -32.52
N PHE B 335 29.76 -10.65 -32.36
CA PHE B 335 28.57 -11.44 -32.64
C PHE B 335 28.32 -11.59 -34.13
N GLU B 336 28.70 -10.60 -34.95
CA GLU B 336 28.64 -10.82 -36.39
C GLU B 336 29.75 -11.75 -36.86
N SER B 337 30.89 -11.77 -36.15
CA SER B 337 31.92 -12.76 -36.44
C SER B 337 31.42 -14.18 -36.15
N VAL B 338 30.68 -14.35 -35.06
CA VAL B 338 30.09 -15.65 -34.76
C VAL B 338 29.10 -16.05 -35.85
N GLY B 339 28.26 -15.11 -36.27
CA GLY B 339 27.29 -15.38 -37.30
C GLY B 339 25.90 -14.87 -36.99
N PHE B 340 25.78 -14.05 -35.94
CA PHE B 340 24.51 -13.45 -35.55
C PHE B 340 24.57 -11.95 -35.82
N SER B 341 23.66 -11.47 -36.68
CA SER B 341 23.62 -10.08 -37.09
C SER B 341 22.18 -9.59 -37.05
N PRO B 342 21.97 -8.31 -36.76
CA PRO B 342 20.60 -7.77 -36.79
C PRO B 342 20.00 -7.85 -38.18
N ALA B 343 18.70 -8.14 -38.24
CA ALA B 343 17.95 -8.16 -39.49
C ALA B 343 17.27 -6.83 -39.77
N PHE B 344 17.42 -5.85 -38.88
CA PHE B 344 16.83 -4.52 -38.99
C PHE B 344 17.65 -3.60 -38.09
N PRO B 345 17.40 -2.27 -38.08
CA PRO B 345 18.18 -1.40 -37.19
C PRO B 345 17.91 -1.68 -35.73
N MET B 346 18.47 -2.79 -35.24
CA MET B 346 18.28 -3.20 -33.86
C MET B 346 19.25 -2.48 -32.92
N ASN B 347 18.74 -2.10 -31.75
CA ASN B 347 19.60 -1.53 -30.72
C ASN B 347 20.61 -2.57 -30.26
N PRO B 348 21.87 -2.19 -30.07
CA PRO B 348 22.86 -3.16 -29.58
C PRO B 348 22.44 -3.79 -28.26
N ALA B 349 21.91 -2.99 -27.33
CA ALA B 349 21.40 -3.54 -26.08
C ALA B 349 20.18 -4.43 -26.32
N ASP B 350 19.26 -3.99 -27.17
CA ASP B 350 18.06 -4.78 -27.45
C ASP B 350 18.41 -6.07 -28.18
N PHE B 351 19.30 -5.99 -29.18
CA PHE B 351 19.80 -7.19 -29.83
C PHE B 351 20.45 -8.12 -28.82
N LEU B 352 21.24 -7.55 -27.91
CA LEU B 352 21.99 -8.35 -26.96
C LEU B 352 21.04 -9.10 -26.02
N LEU B 353 20.02 -8.39 -25.53
CA LEU B 353 19.03 -9.00 -24.64
C LEU B 353 18.17 -10.03 -25.36
N ASP B 354 17.73 -9.73 -26.58
CA ASP B 354 16.89 -10.67 -27.33
C ASP B 354 17.67 -11.93 -27.67
N LEU B 355 18.95 -11.79 -28.01
CA LEU B 355 19.79 -12.94 -28.25
C LEU B 355 20.03 -13.74 -26.98
N ALA B 356 20.07 -13.07 -25.82
CA ALA B 356 20.23 -13.81 -24.57
C ALA B 356 19.14 -14.84 -24.36
N ASN B 357 17.91 -14.56 -24.79
CA ASN B 357 16.84 -15.55 -24.73
C ASN B 357 16.96 -16.61 -25.81
N GLY B 358 17.88 -16.45 -26.76
CA GLY B 358 17.97 -17.34 -27.90
C GLY B 358 17.10 -16.98 -29.07
N VAL B 359 16.42 -15.84 -29.02
CA VAL B 359 15.54 -15.40 -30.10
C VAL B 359 16.35 -14.52 -31.03
N CYS B 360 16.72 -15.06 -32.20
CA CYS B 360 17.46 -14.32 -33.19
C CYS B 360 17.23 -14.95 -34.56
N GLN B 361 17.47 -14.16 -35.60
CA GLN B 361 17.31 -14.59 -36.98
C GLN B 361 15.91 -15.16 -37.24
N VAL B 373 20.67 -21.65 -30.92
CA VAL B 373 21.13 -20.27 -30.75
C VAL B 373 21.92 -20.13 -29.45
N ARG B 374 21.30 -20.50 -28.33
CA ARG B 374 21.95 -20.33 -27.04
C ARG B 374 23.13 -21.29 -26.89
N GLN B 375 22.93 -22.57 -27.20
CA GLN B 375 23.96 -23.57 -26.95
C GLN B 375 25.15 -23.41 -27.89
N THR B 376 24.88 -23.21 -29.18
CA THR B 376 25.96 -23.04 -30.14
C THR B 376 26.80 -21.81 -29.81
N LEU B 377 26.16 -20.71 -29.44
CA LEU B 377 26.90 -19.49 -29.14
C LEU B 377 27.60 -19.53 -27.78
N VAL B 378 27.05 -20.24 -26.78
CA VAL B 378 27.81 -20.38 -25.55
C VAL B 378 29.02 -21.26 -25.79
N THR B 379 28.90 -22.28 -26.65
CA THR B 379 30.06 -23.06 -27.04
C THR B 379 31.09 -22.20 -27.77
N ALA B 380 30.62 -21.31 -28.65
CA ALA B 380 31.52 -20.41 -29.36
C ALA B 380 32.24 -19.48 -28.39
N TYR B 381 31.52 -18.96 -27.39
CA TYR B 381 32.15 -18.12 -26.38
C TYR B 381 33.19 -18.90 -25.58
N ASP B 382 32.86 -20.15 -25.21
CA ASP B 382 33.80 -20.97 -24.46
C ASP B 382 35.02 -21.35 -25.28
N THR B 383 34.91 -21.38 -26.61
CA THR B 383 36.02 -21.76 -27.46
C THR B 383 36.84 -20.58 -27.97
N LEU B 384 36.27 -19.38 -28.03
CA LEU B 384 36.96 -18.22 -28.59
C LEU B 384 37.24 -17.13 -27.59
N LEU B 385 36.23 -16.67 -26.86
CA LEU B 385 36.37 -15.53 -25.95
C LEU B 385 36.73 -15.94 -24.52
N ALA B 386 36.20 -17.07 -24.05
CA ALA B 386 36.53 -17.51 -22.70
C ALA B 386 38.02 -17.78 -22.49
N PRO B 387 38.74 -18.45 -23.40
CA PRO B 387 40.20 -18.57 -23.20
C PRO B 387 40.90 -17.23 -23.14
N GLN B 388 40.44 -16.25 -23.95
CA GLN B 388 41.08 -14.93 -23.94
C GLN B 388 40.87 -14.24 -22.60
N VAL B 389 39.65 -14.27 -22.07
CA VAL B 389 39.40 -13.63 -20.78
C VAL B 389 40.08 -14.39 -19.65
N LYS B 390 40.25 -15.71 -19.80
CA LYS B 390 40.97 -16.47 -18.80
C LYS B 390 42.45 -16.11 -18.79
N THR B 391 43.05 -15.95 -19.97
CA THR B 391 44.44 -15.53 -20.05
C THR B 391 44.61 -14.07 -19.65
N CYS B 392 43.54 -13.27 -19.72
CA CYS B 392 43.65 -11.86 -19.35
C CYS B 392 43.83 -11.69 -17.84
N ILE B 393 43.32 -12.62 -17.04
CA ILE B 393 43.47 -12.52 -15.59
C ILE B 393 44.89 -12.87 -15.18
N GLY B 414 39.14 -1.28 25.25
CA GLY B 414 38.34 -0.32 24.51
C GLY B 414 36.88 -0.29 24.94
N ILE B 415 36.64 -0.61 26.21
CA ILE B 415 35.27 -0.60 26.73
C ILE B 415 34.70 0.81 26.70
N THR B 416 35.50 1.80 27.13
CA THR B 416 35.05 3.18 27.09
C THR B 416 34.82 3.64 25.64
N THR B 417 35.69 3.22 24.72
CA THR B 417 35.48 3.55 23.31
C THR B 417 34.22 2.91 22.77
N CYS B 418 33.94 1.66 23.19
CA CYS B 418 32.71 1.00 22.76
C CYS B 418 31.49 1.73 23.29
N ILE B 419 31.52 2.16 24.56
CA ILE B 419 30.39 2.91 25.11
C ILE B 419 30.22 4.23 24.37
N ALA B 420 31.33 4.93 24.08
CA ALA B 420 31.25 6.20 23.38
C ALA B 420 30.66 6.04 21.98
N THR B 421 31.12 5.02 21.24
CA THR B 421 30.61 4.84 19.89
C THR B 421 29.15 4.38 19.91
N TRP B 422 28.76 3.57 20.89
CA TRP B 422 27.37 3.18 21.02
C TRP B 422 26.48 4.39 21.31
N PHE B 423 26.93 5.28 22.20
CA PHE B 423 26.13 6.44 22.52
C PHE B 423 26.08 7.45 21.38
N SER B 424 27.16 7.60 20.62
CA SER B 424 27.12 8.46 19.45
C SER B 424 26.17 7.89 18.39
N GLN B 425 26.19 6.56 18.20
CA GLN B 425 25.22 5.94 17.30
C GLN B 425 23.80 6.18 17.78
N LEU B 426 23.58 6.07 19.10
CA LEU B 426 22.27 6.33 19.66
C LEU B 426 21.80 7.75 19.37
N CYS B 427 22.69 8.73 19.58
CA CYS B 427 22.34 10.12 19.35
C CYS B 427 22.05 10.39 17.88
N ILE B 428 22.88 9.87 16.98
CA ILE B 428 22.68 10.09 15.55
C ILE B 428 21.38 9.44 15.10
N LEU B 429 21.10 8.23 15.56
CA LEU B 429 19.87 7.55 15.17
C LEU B 429 18.64 8.27 15.74
N LEU B 430 18.74 8.78 16.96
CA LEU B 430 17.64 9.56 17.53
C LEU B 430 17.37 10.81 16.69
N HIS B 431 18.44 11.52 16.31
CA HIS B 431 18.27 12.73 15.50
C HIS B 431 17.72 12.40 14.11
N ARG B 432 18.12 11.26 13.54
CA ARG B 432 17.64 10.90 12.21
C ARG B 432 16.21 10.38 12.23
N LEU B 433 15.78 9.75 13.32
CA LEU B 433 14.41 9.25 13.43
C LEU B 433 13.47 10.24 14.09
N LEU B 434 13.96 11.39 14.55
CA LEU B 434 13.07 12.39 15.14
C LEU B 434 12.02 12.86 14.13
N LYS B 435 12.42 13.07 12.87
CA LYS B 435 11.45 13.46 11.86
C LYS B 435 10.41 12.36 11.63
N GLU B 436 10.87 11.10 11.59
CA GLU B 436 9.94 9.99 11.40
C GLU B 436 8.92 9.92 12.53
N ARG B 437 9.37 10.10 13.77
CA ARG B 437 8.44 10.10 14.89
C ARG B 437 7.51 11.30 14.86
N ARG B 438 8.04 12.48 14.50
CA ARG B 438 7.24 13.70 14.45
C ARG B 438 6.19 13.66 13.34
N HIS B 439 6.39 12.86 12.30
CA HIS B 439 5.35 12.67 11.31
C HIS B 439 4.56 11.38 11.48
N GLU B 440 4.97 10.50 12.40
CA GLU B 440 4.25 9.26 12.68
C GLU B 440 3.41 9.35 13.94
N SER B 441 4.02 9.80 15.05
CA SER B 441 3.29 9.97 16.29
C SER B 441 2.45 11.25 16.31
N PHE B 442 2.71 12.19 15.40
CA PHE B 442 1.95 13.43 15.30
C PHE B 442 1.17 13.49 13.99
N ASP B 443 0.68 12.36 13.52
CA ASP B 443 -0.14 12.34 12.31
C ASP B 443 -1.39 13.18 12.52
N LEU B 444 -1.76 13.96 11.50
CA LEU B 444 -2.93 14.82 11.62
C LEU B 444 -4.19 14.01 11.86
N LEU B 445 -4.29 12.83 11.22
CA LEU B 445 -5.41 11.93 11.52
C LEU B 445 -5.37 11.48 12.97
N ARG B 446 -4.18 11.11 13.47
CA ARG B 446 -4.04 10.73 14.87
C ARG B 446 -4.31 11.91 15.81
N ILE B 447 -3.84 13.09 15.43
CA ILE B 447 -4.07 14.27 16.26
C ILE B 447 -5.55 14.57 16.37
N PHE B 448 -6.27 14.51 15.23
CA PHE B 448 -7.71 14.68 15.25
C PHE B 448 -8.40 13.58 16.05
N GLN B 449 -7.87 12.36 15.99
CA GLN B 449 -8.41 11.26 16.77
C GLN B 449 -8.33 11.57 18.26
N VAL B 450 -7.15 11.98 18.73
CA VAL B 450 -6.95 12.29 20.14
C VAL B 450 -7.80 13.50 20.55
N VAL B 451 -7.90 14.50 19.68
CA VAL B 451 -8.69 15.69 19.99
C VAL B 451 -10.16 15.33 20.11
N ALA B 452 -10.68 14.51 19.19
CA ALA B 452 -12.07 14.08 19.26
C ALA B 452 -12.32 13.25 20.52
N ALA B 453 -11.38 12.37 20.86
CA ALA B 453 -11.54 11.57 22.08
C ALA B 453 -11.56 12.46 23.31
N SER B 454 -10.69 13.47 23.37
CA SER B 454 -10.65 14.38 24.50
C SER B 454 -11.93 15.21 24.59
N ILE B 455 -12.44 15.67 23.45
CA ILE B 455 -13.68 16.45 23.44
C ILE B 455 -14.85 15.60 23.90
N LEU B 456 -14.92 14.36 23.42
CA LEU B 456 -15.99 13.46 23.86
C LEU B 456 -15.87 13.13 25.34
N CYS B 457 -14.65 12.99 25.85
CA CYS B 457 -14.45 12.77 27.28
C CYS B 457 -14.92 13.97 28.10
N GLY B 458 -14.56 15.17 27.66
CA GLY B 458 -14.94 16.38 28.37
C GLY B 458 -16.39 16.80 28.20
N LEU B 459 -17.09 16.22 27.23
CA LEU B 459 -18.52 16.47 27.04
C LEU B 459 -19.39 15.42 27.70
N MET B 460 -19.03 14.14 27.59
CA MET B 460 -19.82 13.08 28.21
C MET B 460 -19.74 13.14 29.72
N TRP B 461 -18.54 13.36 30.25
CA TRP B 461 -18.33 13.49 31.69
C TRP B 461 -18.12 14.95 32.09
N TRP B 462 -18.80 15.87 31.40
CA TRP B 462 -18.63 17.29 31.65
C TRP B 462 -19.04 17.63 33.09
N HIS B 463 -18.08 18.11 33.87
CA HIS B 463 -18.29 18.41 35.29
C HIS B 463 -18.85 17.20 36.02
N SER B 464 -18.25 16.04 35.77
CA SER B 464 -18.70 14.80 36.38
C SER B 464 -18.55 14.86 37.90
N ASP B 465 -19.56 14.37 38.60
CA ASP B 465 -19.55 14.38 40.06
C ASP B 465 -18.58 13.33 40.60
N TYR B 466 -17.89 13.70 41.68
CA TYR B 466 -16.98 12.76 42.34
C TYR B 466 -17.75 11.58 42.94
N ARG B 467 -18.99 11.81 43.35
CA ARG B 467 -19.79 10.76 43.97
C ARG B 467 -20.34 9.75 42.97
N ASP B 468 -20.38 10.11 41.68
CA ASP B 468 -20.85 9.20 40.64
C ASP B 468 -19.77 8.17 40.37
N VAL B 469 -19.79 7.08 41.15
CA VAL B 469 -18.74 6.08 41.07
C VAL B 469 -18.74 5.39 39.71
N HIS B 470 -19.92 4.96 39.25
CA HIS B 470 -19.99 4.19 38.02
C HIS B 470 -19.52 5.00 36.82
N ASP B 471 -19.95 6.27 36.74
CA ASP B 471 -19.57 7.10 35.60
C ASP B 471 -18.07 7.40 35.60
N ARG B 472 -17.52 7.71 36.77
CA ARG B 472 -16.08 7.99 36.85
C ARG B 472 -15.26 6.75 36.53
N LEU B 473 -15.69 5.59 37.02
CA LEU B 473 -14.98 4.35 36.70
C LEU B 473 -15.07 4.03 35.21
N GLY B 474 -16.23 4.29 34.60
CA GLY B 474 -16.34 4.13 33.17
C GLY B 474 -15.42 5.06 32.40
N LEU B 475 -15.29 6.30 32.86
CA LEU B 475 -14.37 7.24 32.24
C LEU B 475 -12.93 6.74 32.34
N LEU B 476 -12.53 6.28 33.52
CA LEU B 476 -11.17 5.77 33.70
C LEU B 476 -10.90 4.56 32.82
N PHE B 477 -11.88 3.64 32.75
CA PHE B 477 -11.71 2.47 31.92
C PHE B 477 -11.68 2.82 30.44
N PHE B 478 -12.47 3.81 30.02
CA PHE B 478 -12.42 4.25 28.62
C PHE B 478 -11.08 4.88 28.30
N ILE B 479 -10.52 5.66 29.23
CA ILE B 479 -9.19 6.22 29.04
C ILE B 479 -8.17 5.11 28.89
N SER B 480 -8.26 4.08 29.75
CA SER B 480 -7.36 2.95 29.65
C SER B 480 -7.51 2.23 28.30
N ILE B 481 -8.76 2.02 27.86
CA ILE B 481 -8.99 1.36 26.59
C ILE B 481 -8.36 2.16 25.45
N PHE B 482 -8.63 3.46 25.40
CA PHE B 482 -8.10 4.29 24.33
C PHE B 482 -6.58 4.33 24.32
N TRP B 483 -5.96 4.57 25.47
CA TRP B 483 -4.52 4.72 25.56
C TRP B 483 -3.80 3.40 25.78
N GLY B 484 -4.50 2.28 25.65
CA GLY B 484 -3.84 1.01 25.47
C GLY B 484 -3.97 0.53 24.05
N VAL B 485 -5.11 0.81 23.41
CA VAL B 485 -5.30 0.38 22.03
C VAL B 485 -4.46 1.24 21.09
N LEU B 486 -4.54 2.57 21.22
CA LEU B 486 -3.82 3.43 20.29
C LEU B 486 -2.31 3.26 20.36
N PRO B 487 -1.65 3.33 21.52
CA PRO B 487 -0.18 3.21 21.52
C PRO B 487 0.32 1.87 21.04
N SER B 488 -0.26 0.76 21.51
CA SER B 488 0.17 -0.56 21.06
C SER B 488 -0.02 -0.73 19.57
N PHE B 489 -1.19 -0.33 19.07
CA PHE B 489 -1.48 -0.49 17.65
C PHE B 489 -0.54 0.35 16.80
N ASN B 490 -0.25 1.58 17.24
CA ASN B 490 0.60 2.45 16.46
C ASN B 490 2.07 2.03 16.56
N ALA B 491 2.46 1.38 17.65
CA ALA B 491 3.82 0.87 17.78
C ALA B 491 4.03 -0.42 17.00
N VAL B 492 2.97 -1.21 16.78
CA VAL B 492 3.13 -2.52 16.18
C VAL B 492 3.57 -2.45 14.72
N PHE B 493 3.57 -1.27 14.11
CA PHE B 493 4.02 -1.10 12.73
C PHE B 493 5.42 -0.54 12.58
N THR B 494 5.97 0.08 13.62
CA THR B 494 7.24 0.78 13.47
C THR B 494 8.36 -0.18 13.09
N PHE B 495 8.40 -1.36 13.69
CA PHE B 495 9.44 -2.33 13.41
C PHE B 495 9.21 -3.05 12.07
N PRO B 496 8.01 -3.55 11.78
CA PRO B 496 7.80 -4.19 10.47
C PRO B 496 8.04 -3.24 9.29
N GLN B 497 7.69 -1.96 9.42
CA GLN B 497 7.84 -1.03 8.33
C GLN B 497 9.29 -0.57 8.15
N GLU B 498 10.12 -0.67 9.19
CA GLU B 498 11.51 -0.27 9.11
C GLU B 498 12.47 -1.45 9.14
N ARG B 499 11.95 -2.68 9.06
CA ARG B 499 12.80 -3.86 9.12
C ARG B 499 13.78 -3.91 7.96
N ALA B 500 13.31 -3.59 6.76
CA ALA B 500 14.19 -3.64 5.59
C ALA B 500 15.33 -2.63 5.72
N ILE B 501 15.01 -1.40 6.11
CA ILE B 501 16.03 -0.37 6.28
C ILE B 501 17.01 -0.76 7.38
N PHE B 502 16.49 -1.29 8.50
CA PHE B 502 17.36 -1.68 9.60
C PHE B 502 18.31 -2.80 9.18
N THR B 503 17.80 -3.80 8.46
CA THR B 503 18.65 -4.89 8.02
C THR B 503 19.69 -4.41 7.01
N ARG B 504 19.29 -3.54 6.09
CA ARG B 504 20.23 -3.03 5.09
C ARG B 504 21.34 -2.22 5.75
N GLU B 505 21.00 -1.38 6.72
CA GLU B 505 22.00 -0.54 7.36
C GLU B 505 22.75 -1.24 8.49
N ARG B 506 22.29 -2.41 8.93
CA ARG B 506 23.02 -3.17 9.93
C ARG B 506 23.97 -4.18 9.29
N ALA B 507 23.58 -4.78 8.16
CA ALA B 507 24.49 -5.66 7.43
C ALA B 507 25.69 -4.89 6.90
N SER B 508 25.53 -3.60 6.61
CA SER B 508 26.63 -2.76 6.15
C SER B 508 27.48 -2.22 7.29
N GLY B 509 27.07 -2.42 8.54
CA GLY B 509 27.86 -1.98 9.67
C GLY B 509 27.67 -0.54 10.07
N MET B 510 26.61 0.12 9.60
CA MET B 510 26.37 1.51 9.99
C MET B 510 26.10 1.61 11.49
N TYR B 511 25.34 0.68 12.05
CA TYR B 511 25.06 0.68 13.48
C TYR B 511 24.72 -0.73 13.92
N THR B 512 24.79 -0.96 15.23
CA THR B 512 24.43 -2.25 15.80
C THR B 512 22.93 -2.28 16.12
N LEU B 513 22.43 -3.50 16.35
CA LEU B 513 21.01 -3.67 16.66
C LEU B 513 20.64 -3.00 17.98
N SER B 514 21.51 -3.12 19.00
CA SER B 514 21.20 -2.55 20.31
C SER B 514 21.02 -1.04 20.22
N SER B 515 21.95 -0.36 19.54
CA SER B 515 21.87 1.09 19.44
C SER B 515 20.62 1.54 18.69
N TYR B 516 20.32 0.89 17.56
CA TYR B 516 19.15 1.26 16.78
C TYR B 516 17.87 1.02 17.57
N PHE B 517 17.77 -0.13 18.23
CA PHE B 517 16.57 -0.43 19.02
C PHE B 517 16.40 0.55 20.17
N MET B 518 17.49 0.87 20.87
CA MET B 518 17.39 1.78 21.99
C MET B 518 17.04 3.20 21.53
N ALA B 519 17.60 3.62 20.40
CA ALA B 519 17.25 4.94 19.86
C ALA B 519 15.78 4.99 19.45
N HIS B 520 15.29 3.92 18.82
CA HIS B 520 13.87 3.84 18.49
C HIS B 520 13.02 3.92 19.75
N VAL B 521 13.40 3.19 20.78
CA VAL B 521 12.64 3.16 22.03
C VAL B 521 12.61 4.55 22.66
N LEU B 522 13.76 5.23 22.69
CA LEU B 522 13.82 6.55 23.32
C LEU B 522 13.02 7.58 22.52
N GLY B 523 13.15 7.58 21.19
CA GLY B 523 12.38 8.51 20.38
C GLY B 523 10.89 8.29 20.51
N SER B 524 10.46 7.03 20.50
CA SER B 524 9.05 6.73 20.65
C SER B 524 8.56 7.08 22.05
N LEU B 525 9.41 6.89 23.07
CA LEU B 525 9.06 7.33 24.42
C LEU B 525 8.84 8.82 24.46
N SER B 526 9.71 9.59 23.79
CA SER B 526 9.58 11.03 23.78
C SER B 526 8.34 11.49 23.01
N MET B 527 7.99 10.78 21.93
CA MET B 527 6.96 11.28 21.02
C MET B 527 5.57 10.68 21.24
N GLU B 528 5.45 9.58 21.98
CA GLU B 528 4.16 8.94 22.19
C GLU B 528 3.47 9.40 23.46
N LEU B 529 4.07 10.32 24.21
CA LEU B 529 3.47 10.84 25.43
C LEU B 529 2.87 12.22 25.26
N VAL B 530 3.13 12.89 24.14
CA VAL B 530 2.61 14.24 23.94
C VAL B 530 1.10 14.22 23.78
N LEU B 531 0.59 13.31 22.94
CA LEU B 531 -0.86 13.21 22.75
C LEU B 531 -1.59 12.79 24.02
N PRO B 532 -1.17 11.74 24.75
CA PRO B 532 -1.85 11.45 26.03
C PRO B 532 -1.76 12.58 27.03
N ALA B 533 -0.63 13.31 27.05
CA ALA B 533 -0.48 14.40 28.00
C ALA B 533 -1.49 15.51 27.72
N SER B 534 -1.62 15.92 26.46
CA SER B 534 -2.60 16.94 26.11
C SER B 534 -4.02 16.44 26.32
N PHE B 535 -4.28 15.17 25.98
CA PHE B 535 -5.60 14.60 26.20
C PHE B 535 -6.00 14.69 27.66
N LEU B 536 -5.09 14.28 28.56
CA LEU B 536 -5.39 14.32 29.98
C LEU B 536 -5.47 15.76 30.48
N THR B 537 -4.60 16.64 29.98
CA THR B 537 -4.65 18.04 30.40
C THR B 537 -6.01 18.65 30.07
N PHE B 538 -6.61 18.27 28.95
CA PHE B 538 -7.95 18.76 28.64
C PHE B 538 -9.01 18.04 29.47
N THR B 539 -8.95 16.70 29.53
CA THR B 539 -10.03 15.91 30.09
C THR B 539 -10.13 16.08 31.61
N TYR B 540 -9.00 15.98 32.30
CA TYR B 540 -8.98 16.02 33.76
C TYR B 540 -9.66 17.27 34.30
N TRP B 541 -9.48 18.41 33.63
CA TRP B 541 -10.08 19.66 34.08
C TRP B 541 -11.43 19.96 33.43
N MET B 542 -11.71 19.43 32.24
CA MET B 542 -13.05 19.56 31.69
C MET B 542 -14.04 18.63 32.39
N VAL B 543 -13.59 17.41 32.72
CA VAL B 543 -14.45 16.46 33.41
C VAL B 543 -14.64 16.85 34.88
N TYR B 544 -13.73 17.63 35.44
CA TYR B 544 -13.70 17.94 36.87
C TYR B 544 -13.47 16.67 37.69
N LEU B 545 -12.32 16.05 37.45
CA LEU B 545 -11.88 14.89 38.22
C LEU B 545 -11.32 15.36 39.56
N ARG B 546 -10.64 14.46 40.27
CA ARG B 546 -10.10 14.75 41.59
C ARG B 546 -9.25 16.02 41.56
N PRO B 547 -9.66 17.06 42.29
CA PRO B 547 -8.98 18.35 42.17
C PRO B 547 -7.64 18.36 42.90
N GLY B 548 -6.84 19.36 42.57
CA GLY B 548 -5.49 19.50 43.08
C GLY B 548 -4.45 19.22 42.00
N ILE B 549 -3.21 19.52 42.36
CA ILE B 549 -2.10 19.32 41.43
C ILE B 549 -1.43 17.97 41.64
N VAL B 550 -1.33 17.52 42.91
CA VAL B 550 -0.74 16.21 43.19
C VAL B 550 -1.47 15.08 42.47
N PRO B 551 -2.80 14.95 42.54
CA PRO B 551 -3.43 13.85 41.81
C PRO B 551 -3.39 14.03 40.30
N PHE B 552 -3.28 15.26 39.79
CA PHE B 552 -3.07 15.44 38.35
C PHE B 552 -1.72 14.88 37.90
N LEU B 553 -0.65 15.22 38.62
CA LEU B 553 0.63 14.60 38.26
C LEU B 553 0.61 13.09 38.47
N LEU B 554 -0.06 12.60 39.50
CA LEU B 554 -0.13 11.16 39.72
C LEU B 554 -0.82 10.45 38.56
N THR B 555 -1.99 10.96 38.15
CA THR B 555 -2.72 10.32 37.06
C THR B 555 -2.01 10.51 35.72
N LEU B 556 -1.31 11.63 35.54
CA LEU B 556 -0.55 11.83 34.31
C LEU B 556 0.62 10.84 34.23
N SER B 557 1.33 10.64 35.34
CA SER B 557 2.41 9.66 35.36
C SER B 557 1.87 8.26 35.11
N VAL B 558 0.74 7.92 35.74
CA VAL B 558 0.15 6.60 35.52
C VAL B 558 -0.26 6.42 34.06
N LEU B 559 -0.89 7.44 33.48
CA LEU B 559 -1.33 7.34 32.09
C LEU B 559 -0.15 7.22 31.14
N LEU B 560 0.91 8.00 31.36
CA LEU B 560 2.08 7.92 30.49
C LEU B 560 2.79 6.58 30.64
N LEU B 561 2.89 6.06 31.87
CA LEU B 561 3.49 4.74 32.07
C LEU B 561 2.67 3.65 31.38
N TYR B 562 1.34 3.75 31.47
CA TYR B 562 0.48 2.79 30.79
C TYR B 562 0.62 2.89 29.27
N VAL B 563 0.72 4.11 28.75
CA VAL B 563 0.93 4.28 27.31
C VAL B 563 2.25 3.65 26.90
N LEU B 564 3.30 3.85 27.70
CA LEU B 564 4.59 3.26 27.40
C LEU B 564 4.52 1.73 27.44
N ALA B 565 3.80 1.17 28.42
CA ALA B 565 3.69 -0.28 28.52
C ALA B 565 2.91 -0.87 27.34
N SER B 566 1.79 -0.26 26.99
CA SER B 566 1.02 -0.73 25.84
C SER B 566 1.84 -0.60 24.55
N GLN B 567 2.56 0.52 24.40
CA GLN B 567 3.42 0.69 23.24
C GLN B 567 4.52 -0.35 23.20
N GLY B 568 5.08 -0.71 24.35
CA GLY B 568 6.09 -1.76 24.38
C GLY B 568 5.51 -3.10 24.01
N LEU B 569 4.28 -3.38 24.43
CA LEU B 569 3.61 -4.60 24.01
C LEU B 569 3.43 -4.62 22.50
N GLY B 570 3.02 -3.48 21.93
CA GLY B 570 2.91 -3.39 20.48
C GLY B 570 4.24 -3.59 19.78
N LEU B 571 5.31 -3.02 20.33
CA LEU B 571 6.64 -3.22 19.75
C LEU B 571 7.04 -4.69 19.80
N ALA B 572 6.79 -5.35 20.92
CA ALA B 572 7.13 -6.77 21.05
C ALA B 572 6.35 -7.61 20.05
N LEU B 573 5.06 -7.30 19.87
CA LEU B 573 4.25 -8.10 18.95
C LEU B 573 4.62 -7.82 17.50
N GLY B 574 5.00 -6.57 17.18
CA GLY B 574 5.44 -6.25 15.84
C GLY B 574 6.85 -6.74 15.52
N ALA B 575 7.66 -7.01 16.54
CA ALA B 575 8.99 -7.55 16.33
C ALA B 575 9.00 -9.07 16.33
N ALA B 576 8.09 -9.72 17.06
CA ALA B 576 8.03 -11.18 17.07
C ALA B 576 7.72 -11.71 15.68
N ILE B 577 6.73 -11.12 15.01
CA ILE B 577 6.43 -11.42 13.62
C ILE B 577 6.37 -10.10 12.87
N MET B 578 6.92 -10.08 11.66
CA MET B 578 7.13 -8.84 10.92
C MET B 578 6.02 -8.53 9.92
N ASP B 579 4.94 -9.29 9.93
CA ASP B 579 3.79 -9.00 9.09
C ASP B 579 2.97 -7.91 9.78
N ALA B 580 2.88 -6.74 9.14
CA ALA B 580 2.23 -5.59 9.78
C ALA B 580 0.76 -5.87 10.06
N LYS B 581 0.05 -6.44 9.10
CA LYS B 581 -1.37 -6.72 9.30
C LYS B 581 -1.58 -7.84 10.31
N LYS B 582 -0.77 -8.90 10.22
CA LYS B 582 -0.90 -10.00 11.18
C LYS B 582 -0.55 -9.54 12.59
N ALA B 583 0.50 -8.73 12.72
CA ALA B 583 0.85 -8.19 14.03
C ALA B 583 -0.24 -7.26 14.54
N SER B 584 -0.86 -6.48 13.65
CA SER B 584 -1.99 -5.65 14.04
C SER B 584 -3.14 -6.48 14.58
N THR B 585 -3.46 -7.58 13.89
CA THR B 585 -4.53 -8.45 14.37
C THR B 585 -4.18 -9.10 15.71
N ILE B 586 -2.91 -9.50 15.86
CA ILE B 586 -2.49 -10.16 17.11
C ILE B 586 -2.58 -9.17 18.28
N VAL B 587 -2.08 -7.94 18.08
CA VAL B 587 -2.14 -6.96 19.14
C VAL B 587 -3.58 -6.55 19.42
N THR B 588 -4.42 -6.53 18.39
CA THR B 588 -5.85 -6.31 18.60
C THR B 588 -6.45 -7.38 19.50
N VAL B 589 -6.15 -8.65 19.22
CA VAL B 589 -6.71 -9.74 20.01
C VAL B 589 -6.20 -9.66 21.45
N THR B 590 -4.91 -9.42 21.63
CA THR B 590 -4.36 -9.40 22.97
C THR B 590 -4.86 -8.21 23.79
N MET B 591 -5.06 -7.05 23.15
CA MET B 591 -5.61 -5.92 23.89
C MET B 591 -7.11 -6.04 24.10
N LEU B 592 -7.82 -6.76 23.22
CA LEU B 592 -9.20 -7.11 23.50
C LEU B 592 -9.28 -7.98 24.75
N ALA B 593 -8.38 -8.96 24.86
CA ALA B 593 -8.32 -9.78 26.07
C ALA B 593 -7.97 -8.93 27.29
N PHE B 594 -7.03 -7.99 27.14
CA PHE B 594 -6.65 -7.13 28.25
C PHE B 594 -7.82 -6.27 28.71
N VAL B 595 -8.58 -5.71 27.76
CA VAL B 595 -9.70 -4.86 28.10
C VAL B 595 -10.82 -5.67 28.75
N LEU B 596 -11.13 -6.84 28.20
CA LEU B 596 -12.20 -7.66 28.78
C LEU B 596 -11.85 -8.12 30.18
N THR B 597 -10.57 -8.12 30.53
CA THR B 597 -10.12 -8.46 31.88
C THR B 597 -9.63 -7.24 32.65
N GLY B 598 -10.05 -6.04 32.24
CA GLY B 598 -9.64 -4.83 32.93
C GLY B 598 -10.35 -4.58 34.25
N GLY B 599 -11.37 -5.37 34.56
CA GLY B 599 -12.08 -5.22 35.81
C GLY B 599 -13.30 -4.32 35.78
N TYR B 600 -13.79 -3.98 34.60
CA TYR B 600 -14.96 -3.10 34.46
C TYR B 600 -16.14 -3.78 33.79
N TYR B 601 -15.92 -4.40 32.62
CA TYR B 601 -17.03 -5.03 31.91
C TYR B 601 -17.61 -6.19 32.70
N VAL B 602 -16.75 -7.04 33.24
CA VAL B 602 -17.15 -8.20 34.03
C VAL B 602 -16.36 -8.18 35.34
N ASN B 603 -17.08 -8.30 36.46
CA ASN B 603 -16.47 -8.29 37.79
C ASN B 603 -16.37 -9.68 38.40
N LYS B 604 -17.41 -10.50 38.24
CA LYS B 604 -17.40 -11.88 38.74
C LYS B 604 -16.77 -12.80 37.69
N VAL B 605 -15.46 -12.65 37.56
CA VAL B 605 -14.70 -13.48 36.61
C VAL B 605 -14.75 -14.93 37.07
N PRO B 606 -14.88 -15.91 36.16
CA PRO B 606 -14.77 -17.31 36.58
C PRO B 606 -13.42 -17.59 37.23
N SER B 607 -13.43 -18.52 38.19
CA SER B 607 -12.23 -18.81 38.96
C SER B 607 -11.08 -19.28 38.07
N GLY B 608 -11.39 -19.88 36.93
CA GLY B 608 -10.38 -20.33 35.99
C GLY B 608 -9.95 -19.30 34.98
N MET B 609 -10.41 -18.05 35.09
CA MET B 609 -10.08 -17.01 34.14
C MET B 609 -9.47 -15.76 34.78
N VAL B 610 -9.52 -15.64 36.11
CA VAL B 610 -8.99 -14.45 36.78
C VAL B 610 -7.49 -14.33 36.67
N TRP B 611 -6.80 -15.39 36.24
CA TRP B 611 -5.34 -15.34 36.12
C TRP B 611 -4.91 -14.34 35.05
N MET B 612 -5.65 -14.28 33.93
CA MET B 612 -5.29 -13.38 32.84
C MET B 612 -5.39 -11.92 33.27
N LYS B 613 -6.30 -11.61 34.22
CA LYS B 613 -6.45 -10.25 34.70
C LYS B 613 -5.14 -9.68 35.22
N TYR B 614 -4.28 -10.53 35.78
CA TYR B 614 -3.02 -10.08 36.36
C TYR B 614 -1.92 -9.86 35.33
N VAL B 615 -2.16 -10.18 34.05
CA VAL B 615 -1.18 -9.94 33.01
C VAL B 615 -1.70 -8.93 31.98
N SER B 616 -2.71 -8.14 32.36
CA SER B 616 -3.29 -7.15 31.46
C SER B 616 -2.81 -5.76 31.86
N THR B 617 -2.22 -5.05 30.89
CA THR B 617 -1.79 -3.67 31.15
C THR B 617 -2.98 -2.77 31.46
N THR B 618 -4.09 -2.96 30.74
CA THR B 618 -5.27 -2.13 30.96
C THR B 618 -5.81 -2.29 32.36
N PHE B 619 -5.78 -3.51 32.90
CA PHE B 619 -6.25 -3.75 34.26
C PHE B 619 -5.43 -2.93 35.27
N TYR B 620 -4.11 -2.97 35.14
CA TYR B 620 -3.27 -2.25 36.09
C TYR B 620 -3.43 -0.73 35.94
N CYS B 621 -3.55 -0.24 34.71
CA CYS B 621 -3.81 1.19 34.53
C CYS B 621 -5.14 1.60 35.14
N TYR B 622 -6.17 0.78 34.93
CA TYR B 622 -7.48 1.09 35.51
C TYR B 622 -7.43 1.09 37.03
N ARG B 623 -6.73 0.12 37.61
CA ARG B 623 -6.62 0.07 39.06
C ARG B 623 -5.85 1.27 39.60
N LEU B 624 -4.78 1.68 38.92
CA LEU B 624 -4.03 2.85 39.35
C LEU B 624 -4.88 4.12 39.24
N LEU B 625 -5.65 4.26 38.16
CA LEU B 625 -6.52 5.42 38.03
C LEU B 625 -7.59 5.44 39.13
N VAL B 626 -8.16 4.27 39.44
CA VAL B 626 -9.15 4.19 40.50
C VAL B 626 -8.53 4.54 41.85
N ALA B 627 -7.31 4.07 42.10
CA ALA B 627 -6.64 4.38 43.36
C ALA B 627 -6.32 5.87 43.45
N ILE B 628 -5.96 6.51 42.33
CA ILE B 628 -5.70 7.94 42.37
C ILE B 628 -6.98 8.72 42.61
N GLN B 629 -8.07 8.34 41.94
CA GLN B 629 -9.31 9.10 42.05
C GLN B 629 -10.01 8.88 43.40
N TYR B 630 -9.91 7.70 43.98
CA TYR B 630 -10.65 7.36 45.18
C TYR B 630 -9.81 6.85 46.34
N GLY B 631 -8.57 6.45 46.11
CA GLY B 631 -7.78 5.88 47.19
C GLY B 631 -8.31 4.54 47.63
N SER B 632 -8.33 4.33 48.95
CA SER B 632 -8.91 3.12 49.52
C SER B 632 -10.42 3.14 49.54
N GLY B 633 -11.04 4.17 48.96
CA GLY B 633 -12.48 4.26 48.91
C GLY B 633 -13.14 4.66 50.21
N GLU B 634 -12.38 5.11 51.21
CA GLU B 634 -12.95 5.44 52.50
C GLU B 634 -13.96 6.57 52.39
N GLU B 635 -13.60 7.65 51.67
CA GLU B 635 -14.52 8.77 51.51
C GLU B 635 -15.76 8.38 50.73
N ILE B 636 -15.57 7.63 49.63
CA ILE B 636 -16.72 7.23 48.81
C ILE B 636 -17.58 6.21 49.55
N LEU B 637 -16.97 5.34 50.35
CA LEU B 637 -17.75 4.40 51.14
C LEU B 637 -18.54 5.12 52.22
N ARG B 638 -17.95 6.15 52.83
CA ARG B 638 -18.68 6.97 53.78
C ARG B 638 -19.84 7.69 53.10
N MET B 639 -19.63 8.16 51.87
CA MET B 639 -20.72 8.77 51.11
C MET B 639 -21.84 7.76 50.89
N LEU B 640 -21.50 6.54 50.48
CA LEU B 640 -22.50 5.51 50.30
C LEU B 640 -23.14 5.12 51.62
N GLY B 641 -22.34 5.05 52.69
CA GLY B 641 -22.85 4.67 53.99
C GLY B 641 -22.32 3.34 54.47
N CYS B 642 -22.20 2.38 53.55
CA CYS B 642 -21.67 1.07 53.88
C CYS B 642 -20.17 1.14 54.11
N ASP B 643 -19.64 0.10 54.74
CA ASP B 643 -18.20 -0.01 54.98
C ASP B 643 -17.73 -1.44 54.78
N THR B 654 -27.54 -1.58 51.87
CA THR B 654 -27.77 -2.62 50.88
C THR B 654 -26.47 -3.35 50.53
N SER B 655 -26.55 -4.68 50.44
CA SER B 655 -25.37 -5.48 50.11
C SER B 655 -24.93 -5.22 48.68
N ALA B 656 -25.87 -5.20 47.73
CA ALA B 656 -25.52 -4.98 46.34
C ALA B 656 -24.90 -3.61 46.12
N GLY B 657 -25.46 -2.59 46.77
CA GLY B 657 -24.88 -1.26 46.65
C GLY B 657 -23.46 -1.18 47.20
N CYS B 658 -23.21 -1.87 48.32
CA CYS B 658 -21.86 -1.93 48.86
C CYS B 658 -20.92 -2.65 47.90
N ARG B 659 -21.36 -3.76 47.33
CA ARG B 659 -20.52 -4.49 46.37
C ARG B 659 -20.23 -3.66 45.14
N PHE B 660 -21.17 -2.82 44.73
CA PHE B 660 -20.94 -1.96 43.56
C PHE B 660 -19.76 -1.02 43.79
N VAL B 661 -19.45 -0.71 45.04
CA VAL B 661 -18.37 0.21 45.38
C VAL B 661 -17.27 -0.48 46.19
N GLU B 662 -17.33 -1.81 46.32
CA GLU B 662 -16.34 -2.55 47.09
C GLU B 662 -15.25 -3.17 46.21
N GLU B 663 -15.64 -4.01 45.25
CA GLU B 663 -14.65 -4.63 44.38
C GLU B 663 -14.26 -3.73 43.21
N GLU B 664 -15.17 -2.87 42.75
CA GLU B 664 -14.85 -1.99 41.64
C GLU B 664 -13.90 -0.88 42.07
N VAL B 665 -14.03 -0.40 43.30
CA VAL B 665 -13.16 0.67 43.80
C VAL B 665 -11.94 0.12 44.50
N ILE B 666 -12.12 -0.83 45.41
CA ILE B 666 -11.01 -1.45 46.13
C ILE B 666 -10.68 -2.74 45.38
N GLY B 667 -9.60 -2.71 44.60
CA GLY B 667 -9.17 -3.86 43.86
C GLY B 667 -8.33 -4.82 44.68
N ASP B 668 -7.88 -5.88 44.02
CA ASP B 668 -7.03 -6.89 44.65
C ASP B 668 -5.55 -6.61 44.50
N VAL B 669 -5.19 -5.48 43.89
CA VAL B 669 -3.80 -5.09 43.68
C VAL B 669 -3.57 -3.75 44.36
N GLY B 670 -2.46 -3.63 45.07
CA GLY B 670 -2.12 -2.38 45.74
C GLY B 670 -1.70 -1.30 44.76
N MET B 671 -1.68 -0.07 45.26
CA MET B 671 -1.29 1.07 44.44
C MET B 671 0.18 0.98 44.02
N TRP B 672 1.02 0.36 44.84
CA TRP B 672 2.43 0.21 44.51
C TRP B 672 2.70 -1.05 43.69
N THR B 673 1.96 -2.13 43.97
CA THR B 673 2.12 -3.35 43.19
C THR B 673 1.76 -3.12 41.73
N SER B 674 0.68 -2.38 41.48
CA SER B 674 0.28 -2.08 40.11
C SER B 674 1.34 -1.26 39.39
N VAL B 675 1.91 -0.26 40.08
CA VAL B 675 2.97 0.56 39.47
C VAL B 675 4.19 -0.29 39.15
N GLY B 676 4.57 -1.16 40.10
CA GLY B 676 5.72 -2.02 39.88
C GLY B 676 5.51 -2.97 38.72
N VAL B 677 4.32 -3.56 38.62
CA VAL B 677 4.04 -4.48 37.52
C VAL B 677 3.96 -3.72 36.19
N LEU B 678 3.43 -2.50 36.19
CA LEU B 678 3.42 -1.69 34.98
C LEU B 678 4.84 -1.40 34.51
N PHE B 679 5.73 -1.03 35.43
CA PHE B 679 7.12 -0.79 35.06
C PHE B 679 7.80 -2.07 34.57
N LEU B 680 7.51 -3.20 35.25
CA LEU B 680 8.08 -4.47 34.84
C LEU B 680 7.65 -4.85 33.44
N MET B 681 6.37 -4.66 33.12
CA MET B 681 5.88 -4.95 31.78
C MET B 681 6.44 -3.97 30.75
N PHE B 682 6.58 -2.70 31.13
CA PHE B 682 7.19 -1.72 30.23
C PHE B 682 8.60 -2.13 29.85
N PHE B 683 9.38 -2.62 30.81
CA PHE B 683 10.74 -3.08 30.51
C PHE B 683 10.73 -4.40 29.77
N GLY B 684 9.86 -5.33 30.17
CA GLY B 684 9.92 -6.69 29.63
C GLY B 684 9.39 -6.80 28.21
N TYR B 685 8.38 -6.01 27.87
CA TYR B 685 7.88 -6.02 26.49
C TYR B 685 8.93 -5.50 25.54
N ARG B 686 9.64 -4.44 25.92
CA ARG B 686 10.73 -3.94 25.09
C ARG B 686 11.90 -4.92 25.06
N VAL B 687 12.15 -5.62 26.17
CA VAL B 687 13.18 -6.66 26.16
C VAL B 687 12.82 -7.76 25.17
N LEU B 688 11.55 -8.17 25.16
CA LEU B 688 11.10 -9.19 24.22
C LEU B 688 11.18 -8.68 22.78
N ALA B 689 10.87 -7.40 22.57
CA ALA B 689 11.02 -6.83 21.23
C ALA B 689 12.47 -6.86 20.78
N TYR B 690 13.40 -6.52 21.67
CA TYR B 690 14.82 -6.57 21.34
C TYR B 690 15.26 -8.00 21.05
N LEU B 691 14.78 -8.96 21.84
CA LEU B 691 15.10 -10.37 21.58
C LEU B 691 14.56 -10.83 20.23
N ALA B 692 13.35 -10.41 19.89
CA ALA B 692 12.77 -10.76 18.60
C ALA B 692 13.57 -10.14 17.45
N LEU B 693 14.02 -8.90 17.63
CA LEU B 693 14.90 -8.29 16.63
C LEU B 693 16.21 -9.06 16.52
N ARG B 694 16.73 -9.54 17.65
CA ARG B 694 17.92 -10.38 17.64
C ARG B 694 17.68 -11.70 16.91
N ARG B 695 16.44 -12.20 16.94
CA ARG B 695 16.13 -13.44 16.24
C ARG B 695 16.32 -13.30 14.74
N ILE B 696 15.91 -12.16 14.17
CA ILE B 696 16.07 -11.91 12.75
C ILE B 696 17.43 -11.29 12.48
CAA Y01 C . -13.70 2.13 22.80
CBA Y01 C . -14.50 1.80 21.55
CAB Y01 C . -15.27 3.02 21.05
CAN Y01 C . -13.64 1.22 20.43
CAJ Y01 C . -13.01 2.22 19.45
CAO Y01 C . -11.66 2.76 19.91
CBB Y01 C . -10.42 2.23 19.15
CAC Y01 C . -10.40 0.71 19.17
CBE Y01 C . -10.36 2.84 17.74
CAP Y01 C . -10.65 4.38 17.78
CAQ Y01 C . -9.85 5.01 16.62
CBG Y01 C . -9.42 3.79 15.81
CBI Y01 C . -9.07 2.75 16.89
CAE Y01 C . -7.86 3.17 17.72
CAU Y01 C . -8.79 1.44 16.15
CAS Y01 C . -7.71 1.59 15.08
CBF Y01 C . -8.08 2.65 14.03
CBD Y01 C . -8.44 3.99 14.68
CAK Y01 C . -9.03 4.90 13.61
CAI Y01 C . -8.42 4.79 12.25
CAZ Y01 C . -7.61 3.80 11.87
CAV Y01 C . -6.89 3.89 10.56
CBH Y01 C . -7.03 2.86 12.90
CAD Y01 C . -5.75 3.50 13.43
CAT Y01 C . -6.76 1.50 12.22
CAR Y01 C . -5.97 1.59 10.91
CBC Y01 C . -6.71 2.50 9.95
OAW Y01 C . -5.93 2.57 8.74
CAY Y01 C . -6.47 2.16 7.59
OAG Y01 C . -7.07 2.89 6.84
CAM Y01 C . -6.22 0.69 7.37
CAL Y01 C . -6.90 0.13 6.14
CAX Y01 C . -6.87 -1.41 6.03
OAH Y01 C . -7.20 -2.03 7.07
OAF Y01 C . -6.54 -1.91 4.95
CAA Y01 D . -13.29 -3.64 23.55
CBA Y01 D . -12.77 -2.23 23.81
CAB Y01 D . -13.94 -1.31 24.20
CAN Y01 D . -12.02 -1.64 22.61
CAJ Y01 D . -10.89 -2.51 22.07
CAO Y01 D . -10.86 -2.56 20.54
CBB Y01 D . -11.62 -3.74 19.91
CAC Y01 D . -13.13 -3.48 19.85
CBE Y01 D . -11.00 -4.23 18.59
CAP Y01 D . -11.95 -5.29 17.95
CAQ Y01 D . -12.06 -4.96 16.46
CBG Y01 D . -10.69 -4.35 16.24
CBI Y01 D . -10.55 -3.33 17.39
CAE Y01 D . -11.48 -2.14 17.13
CAU Y01 D . -9.10 -2.86 17.36
CAS Y01 D . -8.66 -2.35 15.99
CBF Y01 D . -8.88 -3.35 14.84
CBD Y01 D . -10.31 -3.89 14.85
CAK Y01 D . -10.40 -5.09 13.90
CAI Y01 D . -9.65 -4.89 12.62
CAZ Y01 D . -8.81 -3.89 12.39
CAV Y01 D . -8.16 -3.77 11.03
CBH Y01 D . -8.52 -2.81 13.43
CAD Y01 D . -9.35 -1.56 13.11
CAT Y01 D . -7.03 -2.47 13.39
CAR Y01 D . -6.53 -2.16 11.97
CBC Y01 D . -6.68 -3.38 11.10
OAW Y01 D . -6.18 -3.04 9.80
CAY Y01 D . -4.88 -3.12 9.54
OAG Y01 D . -4.25 -4.15 9.62
CAM Y01 D . -4.31 -1.78 9.15
CAL Y01 D . -2.83 -1.80 8.83
CAX Y01 D . -2.23 -0.42 8.49
OAH Y01 D . -2.87 0.56 8.93
OAF Y01 D . -1.17 -0.38 7.84
#